data_7YZX
#
_entry.id   7YZX
#
_cell.length_a   169.417
_cell.length_b   169.417
_cell.length_c   141.830
_cell.angle_alpha   90.000
_cell.angle_beta   90.000
_cell.angle_gamma   120.000
#
_symmetry.space_group_name_H-M   'P 63 2 2'
#
loop_
_entity.id
_entity.type
_entity.pdbx_description
1 polymer 'C5a peptidase'
2 non-polymer 'CALCIUM ION'
3 non-polymer 'SODIUM ION'
4 non-polymer 'SULFATE ION'
5 non-polymer 'MALONIC ACID'
6 water water
#
_entity_poly.entity_id   1
_entity_poly.type   'polypeptide(L)'
_entity_poly.pdbx_seq_one_letter_code
;NTVTEDTPATEQAVETPQPTAVSEEAPSSSKETKIPQTPGDAEETVADDANDLAPQAPAKTADTPATSKATIRDLNDPSQ
VKTLQEKAGKGAGTVVAVIDAGFDKNHEAWRLTDKTKARYQSKEDLEKAKKEHGITYGEWVNDKVAYYHDYSKDGKTAVD
QEHGTHVSGILSGNAPSETKEPYRLEGAMPEAQLLLMRVEIVNGLADYARNYAQAIRDAVNLGAKVINMSFGNAALAYAN
LPDETKKAFDYAKSKGVSIVTSAGNDSSFGGKTRLPLADHPDYGVVGTPAAADSTLTVASYSPDKQLTETATVKTDDHQA
KEMPVLSTNRFEPNKAYDYAYANRGMKEDDFKDVKGKIALIERGDIDFKDKIANAKKAGAVGVLIYDNQDKGFPIELPNV
DQMPAAFISRKDGLLLKDNSKKTITFNATPKVLPTASDTKLSRFSSWGLTADGNIKPDIAAPGQDILSSVANNKYAKLSG
TSMSAPLVAGIMGLLQKQYETQYPDMTPSERLDLAKKVLMSSATALYDEDEKAYFSPRQQGAGAVDAKKASAATMYVTDK
DNTSSKVHLNNVSDKFEVTVTVHNKSDKPQELYYQATVQTDKVDGKHFALAPKALYETSWQKITIPANSSKQVTVPIDAS
RFSKDLLAQMKNGYFLEGFVRFKQDPKKEELMSIPYIGFRGDFGNLSALEKPIYDSKDGSSYYHEANSDAKDQLDGDGLQ
FYALKNNFTALTTESNPWTIIKAVKEGVENIEAIESSEITETIFAGTFAKQDDDSHYYIHRHANGKPYAAISPNGDGNRD
YVQFQGTFLRNAKNLVAEVLDKEGNVVWTSEVTEQVVKNYNNDLASTLGSTRFEKTRWDGKDKDGKVVVNGTYTYRVRYT
PISSGAKEQHTDFDVIVDNTTPEVATSATFSTEDRRLTLASKPKTSQPIYRERIAYTYMDEDLPTTEYISPNEDGTFTLP
EEAETMEGGTVPLKMSDFTYVVEDMAGNITYTPVTKLLEGHS
;
_entity_poly.pdbx_strand_id   A,B
#
loop_
_chem_comp.id
_chem_comp.type
_chem_comp.name
_chem_comp.formula
CA non-polymer 'CALCIUM ION' 'Ca 2'
MLA non-polymer 'MALONIC ACID' 'C3 H4 O4'
NA non-polymer 'SODIUM ION' 'Na 1'
SO4 non-polymer 'SULFATE ION' 'O4 S -2'
#
# COMPACT_ATOMS: atom_id res chain seq x y z
N THR A 64 31.65 -15.36 -42.53
CA THR A 64 30.73 -15.54 -41.43
C THR A 64 29.77 -14.36 -41.31
N PRO A 65 28.47 -14.62 -41.42
CA PRO A 65 27.48 -13.54 -41.33
C PRO A 65 27.40 -12.98 -39.90
N ALA A 66 26.67 -11.87 -39.79
CA ALA A 66 26.54 -11.18 -38.52
C ALA A 66 25.75 -12.02 -37.52
N THR A 67 26.22 -12.03 -36.27
CA THR A 67 25.60 -12.84 -35.24
C THR A 67 24.16 -12.39 -34.98
N SER A 68 23.24 -13.35 -34.91
CA SER A 68 21.83 -13.08 -34.63
CA SER A 68 21.83 -13.09 -34.63
C SER A 68 21.48 -13.76 -33.31
N LYS A 69 21.18 -12.95 -32.29
CA LYS A 69 20.88 -13.48 -30.98
C LYS A 69 19.41 -13.88 -30.88
N ALA A 70 19.15 -14.85 -30.01
CA ALA A 70 17.78 -15.19 -29.67
C ALA A 70 17.19 -14.11 -28.77
N THR A 71 15.86 -14.00 -28.81
CA THR A 71 15.17 -13.10 -27.90
C THR A 71 14.86 -13.82 -26.59
N ILE A 72 14.50 -13.03 -25.58
CA ILE A 72 14.02 -13.61 -24.34
C ILE A 72 12.76 -14.43 -24.60
N ARG A 73 11.86 -13.91 -25.42
CA ARG A 73 10.62 -14.64 -25.70
C ARG A 73 10.88 -15.96 -26.42
N ASP A 74 11.97 -16.04 -27.20
CA ASP A 74 12.33 -17.31 -27.83
C ASP A 74 12.54 -18.41 -26.81
N LEU A 75 12.97 -18.05 -25.59
CA LEU A 75 13.23 -19.01 -24.53
C LEU A 75 12.15 -19.05 -23.45
N ASN A 76 11.45 -17.94 -23.20
N ASN A 76 11.36 -17.98 -23.31
CA ASN A 76 10.48 -17.90 -22.12
CA ASN A 76 10.54 -17.76 -22.11
C ASN A 76 9.35 -16.97 -22.53
C ASN A 76 9.34 -16.91 -22.52
N ASP A 77 8.17 -17.55 -22.70
CA ASP A 77 6.98 -16.86 -23.19
C ASP A 77 5.77 -17.35 -22.40
N PRO A 78 5.70 -17.01 -21.10
CA PRO A 78 4.66 -17.60 -20.24
C PRO A 78 3.24 -17.28 -20.66
N SER A 79 3.00 -16.15 -21.33
CA SER A 79 1.66 -15.77 -21.73
C SER A 79 1.35 -16.13 -23.19
N GLN A 80 2.25 -16.85 -23.87
CA GLN A 80 1.99 -17.37 -25.22
C GLN A 80 1.79 -16.25 -26.25
N VAL A 81 2.57 -15.17 -26.10
CA VAL A 81 2.43 -14.04 -27.02
C VAL A 81 2.77 -14.45 -28.45
N LYS A 82 3.72 -15.36 -28.63
CA LYS A 82 4.14 -15.75 -29.98
C LYS A 82 2.98 -16.29 -30.80
N THR A 83 2.06 -17.04 -30.18
CA THR A 83 0.92 -17.57 -30.90
C THR A 83 0.05 -16.45 -31.44
N LEU A 84 -0.16 -15.40 -30.64
CA LEU A 84 -0.95 -14.27 -31.09
C LEU A 84 -0.20 -13.46 -32.15
N GLN A 85 1.12 -13.31 -32.00
CA GLN A 85 1.90 -12.61 -33.01
C GLN A 85 1.86 -13.33 -34.35
N GLU A 86 1.89 -14.67 -34.34
CA GLU A 86 1.75 -15.42 -35.58
C GLU A 86 0.44 -15.08 -36.28
N LYS A 87 -0.61 -14.79 -35.51
CA LYS A 87 -1.91 -14.48 -36.09
C LYS A 87 -2.02 -13.01 -36.48
N ALA A 88 -1.51 -12.09 -35.65
CA ALA A 88 -1.83 -10.67 -35.78
C ALA A 88 -0.63 -9.75 -36.04
N GLY A 89 0.58 -10.28 -36.12
CA GLY A 89 1.74 -9.46 -36.38
C GLY A 89 2.46 -9.03 -35.12
N LYS A 90 3.34 -8.04 -35.29
CA LYS A 90 4.18 -7.56 -34.20
C LYS A 90 4.09 -6.05 -34.00
N GLY A 91 3.06 -5.41 -34.55
CA GLY A 91 2.80 -4.00 -34.29
C GLY A 91 3.19 -3.04 -35.40
N ALA A 92 3.75 -3.53 -36.52
CA ALA A 92 4.18 -2.64 -37.59
C ALA A 92 3.00 -1.80 -38.08
N GLY A 93 3.21 -0.49 -38.17
CA GLY A 93 2.15 0.43 -38.56
C GLY A 93 1.26 0.90 -37.42
N THR A 94 1.39 0.32 -36.24
CA THR A 94 0.57 0.68 -35.09
C THR A 94 1.33 1.63 -34.16
N VAL A 95 0.56 2.36 -33.36
CA VAL A 95 1.10 3.28 -32.36
C VAL A 95 0.53 2.91 -31.00
N VAL A 96 1.40 2.91 -29.98
CA VAL A 96 0.99 2.63 -28.60
C VAL A 96 1.62 3.70 -27.71
N ALA A 97 0.99 3.93 -26.56
CA ALA A 97 1.39 5.01 -25.67
C ALA A 97 1.68 4.48 -24.27
N VAL A 98 2.67 5.09 -23.63
CA VAL A 98 3.05 4.78 -22.25
C VAL A 98 3.05 6.09 -21.47
N ILE A 99 2.26 6.14 -20.41
CA ILE A 99 2.21 7.29 -19.50
C ILE A 99 2.90 6.86 -18.21
N ASP A 100 4.04 7.46 -17.90
CA ASP A 100 4.84 7.03 -16.78
C ASP A 100 5.67 8.23 -16.29
N ALA A 101 6.65 7.95 -15.44
CA ALA A 101 7.35 9.00 -14.72
C ALA A 101 8.63 9.48 -15.41
N GLY A 102 9.08 8.83 -16.47
CA GLY A 102 10.30 9.22 -17.12
C GLY A 102 10.86 8.09 -17.96
N PHE A 103 11.68 8.45 -18.94
CA PHE A 103 12.14 7.49 -19.93
C PHE A 103 13.56 7.82 -20.38
N ASP A 104 14.32 6.77 -20.72
CA ASP A 104 15.55 6.93 -21.50
C ASP A 104 15.15 6.85 -22.96
N LYS A 105 15.04 8.01 -23.60
CA LYS A 105 14.58 8.09 -24.99
C LYS A 105 15.63 7.64 -26.00
N ASN A 106 16.87 7.40 -25.59
CA ASN A 106 17.94 7.01 -26.50
C ASN A 106 18.30 5.53 -26.40
N HIS A 107 17.51 4.74 -25.67
CA HIS A 107 17.86 3.34 -25.46
C HIS A 107 17.97 2.59 -26.78
N GLU A 108 18.94 1.69 -26.87
CA GLU A 108 19.09 0.88 -28.08
C GLU A 108 17.86 0.06 -28.37
N ALA A 109 17.00 -0.18 -27.38
CA ALA A 109 15.78 -0.95 -27.58
C ALA A 109 14.76 -0.23 -28.44
N TRP A 110 14.91 1.08 -28.65
CA TRP A 110 13.93 1.84 -29.41
C TRP A 110 14.33 1.84 -30.88
N ARG A 111 13.89 0.84 -31.61
CA ARG A 111 14.17 0.78 -33.04
C ARG A 111 13.08 0.01 -33.77
N LEU A 112 12.92 0.33 -35.04
CA LEU A 112 12.01 -0.36 -35.94
C LEU A 112 12.82 -1.16 -36.96
N THR A 113 12.30 -2.33 -37.34
CA THR A 113 12.93 -3.08 -38.41
C THR A 113 12.72 -2.41 -39.76
N ASP A 114 11.53 -1.85 -40.00
CA ASP A 114 11.19 -1.25 -41.29
C ASP A 114 10.36 0.01 -41.04
N LYS A 115 11.03 1.16 -40.97
CA LYS A 115 10.34 2.41 -40.72
C LYS A 115 9.40 2.80 -41.86
N THR A 116 9.51 2.18 -43.03
CA THR A 116 8.61 2.53 -44.12
C THR A 116 7.19 2.06 -43.87
N LYS A 117 6.99 1.12 -42.95
CA LYS A 117 5.66 0.65 -42.58
C LYS A 117 5.05 1.44 -41.43
N ALA A 118 5.79 2.38 -40.84
CA ALA A 118 5.32 3.07 -39.64
C ALA A 118 4.24 4.11 -39.97
N ARG A 119 3.38 4.37 -39.00
CA ARG A 119 2.35 5.39 -39.16
C ARG A 119 2.96 6.78 -39.33
N TYR A 120 4.03 7.07 -38.58
CA TYR A 120 4.73 8.35 -38.66
C TYR A 120 6.12 8.10 -39.19
N GLN A 121 6.36 8.43 -40.45
CA GLN A 121 7.65 8.17 -41.07
C GLN A 121 8.67 9.29 -40.84
N SER A 122 8.25 10.42 -40.28
CA SER A 122 9.17 11.55 -40.13
C SER A 122 8.57 12.54 -39.13
N LYS A 123 9.42 13.47 -38.69
CA LYS A 123 8.96 14.59 -37.88
C LYS A 123 7.84 15.36 -38.59
N GLU A 124 7.85 15.38 -39.92
CA GLU A 124 6.83 16.13 -40.67
C GLU A 124 5.47 15.47 -40.57
N ASP A 125 5.42 14.14 -40.68
CA ASP A 125 4.15 13.43 -40.50
C ASP A 125 3.57 13.70 -39.12
N LEU A 126 4.43 13.77 -38.11
CA LEU A 126 3.97 13.96 -36.73
C LEU A 126 3.42 15.36 -36.51
N GLU A 127 4.12 16.38 -37.01
CA GLU A 127 3.63 17.74 -36.87
C GLU A 127 2.32 17.94 -37.61
N LYS A 128 2.13 17.26 -38.73
CA LYS A 128 0.84 17.32 -39.41
C LYS A 128 -0.27 16.77 -38.54
N ALA A 129 -0.02 15.66 -37.85
CA ALA A 129 -1.02 15.12 -36.93
C ALA A 129 -1.25 16.07 -35.76
N LYS A 130 -0.20 16.68 -35.24
CA LYS A 130 -0.36 17.66 -34.16
C LYS A 130 -1.22 18.83 -34.60
N LYS A 131 -0.93 19.39 -35.78
CA LYS A 131 -1.70 20.52 -36.28
C LYS A 131 -3.17 20.15 -36.45
N GLU A 132 -3.45 18.92 -36.89
CA GLU A 132 -4.82 18.48 -37.09
C GLU A 132 -5.64 18.54 -35.80
N HIS A 133 -4.99 18.32 -34.65
CA HIS A 133 -5.69 18.29 -33.37
C HIS A 133 -5.36 19.47 -32.48
N GLY A 134 -4.60 20.45 -32.98
CA GLY A 134 -4.29 21.63 -32.21
C GLY A 134 -3.27 21.43 -31.11
N ILE A 135 -2.46 20.37 -31.20
CA ILE A 135 -1.42 20.10 -30.21
C ILE A 135 -0.20 20.92 -30.56
N THR A 136 0.19 21.83 -29.66
CA THR A 136 1.28 22.76 -29.91
C THR A 136 2.50 22.50 -29.01
N TYR A 137 2.61 21.29 -28.46
CA TYR A 137 3.69 20.93 -27.56
C TYR A 137 4.13 19.50 -27.87
N GLY A 138 5.25 19.10 -27.30
CA GLY A 138 5.80 17.79 -27.55
C GLY A 138 6.58 17.72 -28.86
N GLU A 139 7.40 16.67 -28.98
CA GLU A 139 8.35 16.58 -30.07
C GLU A 139 8.50 15.14 -30.56
N TRP A 140 8.87 15.03 -31.84
CA TRP A 140 9.39 13.79 -32.39
C TRP A 140 10.78 13.51 -31.81
N VAL A 141 11.10 12.23 -31.60
CA VAL A 141 12.39 11.88 -31.03
C VAL A 141 13.20 11.04 -32.01
N ASN A 142 12.66 9.90 -32.42
CA ASN A 142 13.30 9.03 -33.39
C ASN A 142 12.23 8.16 -34.05
N ASP A 143 12.67 7.27 -34.95
CA ASP A 143 11.73 6.47 -35.73
C ASP A 143 10.81 5.65 -34.84
N LYS A 144 11.31 5.17 -33.70
CA LYS A 144 10.50 4.39 -32.78
C LYS A 144 9.67 5.29 -31.87
N VAL A 145 10.32 6.27 -31.24
CA VAL A 145 9.66 7.17 -30.31
C VAL A 145 9.17 8.36 -31.14
N ALA A 146 7.96 8.23 -31.66
CA ALA A 146 7.41 9.25 -32.55
C ALA A 146 6.96 10.49 -31.80
N TYR A 147 6.79 10.42 -30.48
CA TYR A 147 6.32 11.57 -29.73
C TYR A 147 6.74 11.44 -28.27
N TYR A 148 7.32 12.51 -27.73
CA TYR A 148 7.57 12.64 -26.31
C TYR A 148 7.02 13.97 -25.82
N HIS A 149 6.37 13.95 -24.65
CA HIS A 149 6.04 15.20 -23.97
C HIS A 149 6.05 14.99 -22.47
N ASP A 150 6.53 16.00 -21.76
CA ASP A 150 6.59 16.02 -20.30
C ASP A 150 5.44 16.91 -19.83
N TYR A 151 4.42 16.30 -19.23
CA TYR A 151 3.25 17.02 -18.74
C TYR A 151 3.42 17.53 -17.31
N SER A 152 4.63 17.44 -16.76
CA SER A 152 4.87 17.81 -15.36
C SER A 152 6.21 18.54 -15.24
N LYS A 153 6.44 19.51 -16.13
CA LYS A 153 7.70 20.25 -16.12
C LYS A 153 7.82 21.20 -14.94
N ASP A 154 6.71 21.59 -14.33
CA ASP A 154 6.81 22.49 -13.18
C ASP A 154 7.32 21.79 -11.90
N GLY A 155 7.80 20.55 -11.98
CA GLY A 155 8.29 19.84 -10.82
C GLY A 155 9.78 20.10 -10.60
N LYS A 156 10.15 20.31 -9.34
CA LYS A 156 11.53 20.64 -9.00
C LYS A 156 12.40 19.40 -8.91
N THR A 157 11.81 18.23 -8.64
CA THR A 157 12.59 17.01 -8.49
C THR A 157 13.15 16.58 -9.86
N ALA A 158 14.21 15.78 -9.80
CA ALA A 158 14.82 15.25 -11.02
C ALA A 158 13.94 14.14 -11.62
N VAL A 159 14.22 13.82 -12.87
CA VAL A 159 13.43 12.83 -13.61
C VAL A 159 14.05 11.46 -13.41
N ASP A 160 13.26 10.50 -12.94
CA ASP A 160 13.67 9.11 -12.89
C ASP A 160 13.33 8.43 -14.21
N GLN A 161 14.32 7.79 -14.81
CA GLN A 161 14.14 7.15 -16.10
C GLN A 161 14.01 5.62 -16.03
N GLU A 162 14.27 5.02 -14.88
CA GLU A 162 14.31 3.56 -14.82
C GLU A 162 12.94 2.95 -15.08
N HIS A 163 11.93 3.37 -14.31
CA HIS A 163 10.66 2.66 -14.30
C HIS A 163 9.93 2.78 -15.63
N GLY A 164 9.87 3.97 -16.22
CA GLY A 164 9.19 4.13 -17.49
C GLY A 164 9.88 3.45 -18.65
N THR A 165 11.22 3.42 -18.63
CA THR A 165 11.95 2.69 -19.66
C THR A 165 11.67 1.19 -19.57
N HIS A 166 11.59 0.67 -18.34
CA HIS A 166 11.36 -0.76 -18.13
C HIS A 166 9.98 -1.17 -18.63
N VAL A 167 8.95 -0.41 -18.24
CA VAL A 167 7.59 -0.67 -18.70
C VAL A 167 7.52 -0.63 -20.22
N SER A 168 8.09 0.42 -20.83
CA SER A 168 8.04 0.56 -22.28
C SER A 168 8.75 -0.57 -23.00
N GLY A 169 9.83 -1.10 -22.42
CA GLY A 169 10.54 -2.19 -23.05
C GLY A 169 9.72 -3.47 -23.08
N ILE A 170 8.94 -3.72 -22.02
CA ILE A 170 8.06 -4.87 -22.02
C ILE A 170 7.01 -4.74 -23.11
N LEU A 171 6.46 -3.54 -23.29
CA LEU A 171 5.41 -3.34 -24.28
C LEU A 171 5.97 -3.36 -25.70
N SER A 172 7.14 -2.74 -25.91
CA SER A 172 7.55 -2.49 -27.29
C SER A 172 9.06 -2.47 -27.50
N GLY A 173 9.85 -3.05 -26.60
CA GLY A 173 11.30 -3.08 -26.82
C GLY A 173 11.68 -3.91 -28.03
N ASN A 174 12.80 -3.54 -28.65
CA ASN A 174 13.20 -4.22 -29.88
C ASN A 174 14.72 -4.18 -30.02
N ALA A 175 15.42 -4.72 -29.02
CA ALA A 175 16.87 -4.59 -28.96
C ALA A 175 17.53 -5.29 -30.14
N PRO A 176 18.62 -4.74 -30.68
CA PRO A 176 19.30 -5.37 -31.80
C PRO A 176 20.28 -6.45 -31.33
N SER A 177 20.70 -7.29 -32.28
CA SER A 177 21.64 -8.34 -31.95
C SER A 177 23.00 -7.81 -31.52
N GLU A 178 23.29 -6.53 -31.79
CA GLU A 178 24.51 -5.89 -31.31
C GLU A 178 24.49 -5.63 -29.80
N THR A 179 23.38 -5.92 -29.13
CA THR A 179 23.28 -5.68 -27.70
C THR A 179 24.35 -6.47 -26.94
N LYS A 180 24.74 -5.92 -25.78
CA LYS A 180 25.65 -6.64 -24.89
C LYS A 180 24.96 -7.77 -24.15
N GLU A 181 23.62 -7.79 -24.13
CA GLU A 181 22.90 -8.81 -23.40
C GLU A 181 23.04 -10.17 -24.10
N PRO A 182 22.98 -11.27 -23.36
CA PRO A 182 22.97 -12.59 -24.00
C PRO A 182 21.73 -12.85 -24.84
N TYR A 183 20.57 -12.32 -24.44
CA TYR A 183 19.33 -12.50 -25.17
C TYR A 183 18.67 -11.15 -25.41
N ARG A 184 18.13 -10.98 -26.62
CA ARG A 184 17.56 -9.69 -27.02
C ARG A 184 16.21 -9.47 -26.35
N LEU A 185 16.03 -8.28 -25.77
CA LEU A 185 14.72 -7.87 -25.31
C LEU A 185 13.84 -7.54 -26.51
N GLU A 186 12.77 -8.32 -26.69
CA GLU A 186 11.79 -8.04 -27.72
C GLU A 186 10.42 -8.04 -27.06
N GLY A 187 9.83 -6.85 -26.92
CA GLY A 187 8.56 -6.71 -26.26
C GLY A 187 7.41 -7.32 -27.06
N ALA A 188 6.19 -7.11 -26.53
CA ALA A 188 5.01 -7.75 -27.10
C ALA A 188 4.68 -7.19 -28.47
N MET A 189 4.88 -5.88 -28.68
CA MET A 189 4.62 -5.22 -29.96
C MET A 189 5.90 -4.50 -30.41
N PRO A 190 6.92 -5.27 -30.82
CA PRO A 190 8.24 -4.66 -31.02
C PRO A 190 8.35 -3.78 -32.25
N GLU A 191 7.40 -3.86 -33.19
CA GLU A 191 7.46 -3.06 -34.40
C GLU A 191 6.51 -1.87 -34.36
N ALA A 192 5.80 -1.66 -33.26
CA ALA A 192 4.97 -0.48 -33.12
C ALA A 192 5.81 0.74 -32.77
N GLN A 193 5.26 1.92 -33.01
CA GLN A 193 5.85 3.16 -32.53
C GLN A 193 5.28 3.51 -31.16
N LEU A 194 6.06 4.29 -30.42
CA LEU A 194 5.75 4.67 -29.04
C LEU A 194 5.49 6.16 -28.95
N LEU A 195 4.44 6.52 -28.21
CA LEU A 195 4.27 7.87 -27.67
C LEU A 195 4.61 7.80 -26.19
N LEU A 196 5.63 8.54 -25.76
CA LEU A 196 6.10 8.50 -24.38
C LEU A 196 5.67 9.79 -23.69
N MET A 197 4.93 9.65 -22.59
CA MET A 197 4.29 10.77 -21.91
C MET A 197 4.67 10.75 -20.44
N ARG A 198 5.39 11.79 -20.00
CA ARG A 198 5.82 11.88 -18.62
C ARG A 198 4.79 12.64 -17.80
N VAL A 199 4.35 12.05 -16.70
CA VAL A 199 3.50 12.70 -15.71
C VAL A 199 4.04 12.35 -14.33
N GLU A 200 3.91 13.29 -13.40
CA GLU A 200 4.42 13.12 -12.05
C GLU A 200 3.66 14.07 -11.13
N ILE A 201 3.55 13.68 -9.86
N ILE A 201 3.54 13.68 -9.87
CA ILE A 201 2.84 14.53 -8.90
CA ILE A 201 2.87 14.49 -8.87
C ILE A 201 3.69 15.75 -8.59
C ILE A 201 3.78 15.64 -8.47
N VAL A 202 3.06 16.93 -8.61
N VAL A 202 3.48 16.83 -8.97
CA VAL A 202 3.76 18.19 -8.41
CA VAL A 202 4.23 18.02 -8.55
C VAL A 202 3.01 19.08 -7.45
C VAL A 202 3.65 18.58 -7.24
N ASN A 203 1.69 19.20 -7.63
N ASN A 203 2.34 18.46 -7.04
CA ASN A 203 0.86 20.09 -6.81
CA ASN A 203 1.71 18.94 -5.82
C ASN A 203 -0.51 19.46 -6.55
C ASN A 203 0.51 18.08 -5.45
N GLY A 204 -0.52 18.27 -5.94
N GLY A 204 -0.66 18.41 -5.99
CA GLY A 204 -1.77 17.66 -5.52
CA GLY A 204 -1.90 17.78 -5.60
C GLY A 204 -2.24 16.60 -6.49
C GLY A 204 -2.36 16.68 -6.54
N LEU A 205 -3.13 15.73 -5.98
CA LEU A 205 -3.59 14.58 -6.75
C LEU A 205 -4.64 14.96 -7.80
N ALA A 206 -5.42 16.01 -7.57
CA ALA A 206 -6.37 16.44 -8.58
C ALA A 206 -5.64 16.97 -9.82
N ASP A 207 -4.62 17.81 -9.61
CA ASP A 207 -3.84 18.31 -10.74
C ASP A 207 -3.12 17.18 -11.46
N TYR A 208 -2.60 16.21 -10.70
CA TYR A 208 -2.00 15.02 -11.30
C TYR A 208 -2.96 14.35 -12.28
N ALA A 209 -4.20 14.13 -11.83
CA ALA A 209 -5.20 13.48 -12.69
C ALA A 209 -5.54 14.34 -13.90
N ARG A 210 -5.61 15.66 -13.72
CA ARG A 210 -5.86 16.54 -14.86
C ARG A 210 -4.74 16.44 -15.88
N ASN A 211 -3.50 16.25 -15.41
CA ASN A 211 -2.38 16.18 -16.33
C ASN A 211 -2.39 14.86 -17.12
N TYR A 212 -2.66 13.73 -16.45
CA TYR A 212 -2.66 12.50 -17.24
C TYR A 212 -3.95 12.32 -18.01
N ALA A 213 -5.02 13.07 -17.67
CA ALA A 213 -6.17 13.13 -18.56
C ALA A 213 -5.81 13.75 -19.89
N GLN A 214 -4.99 14.81 -19.88
CA GLN A 214 -4.57 15.41 -21.13
C GLN A 214 -3.64 14.47 -21.90
N ALA A 215 -2.77 13.76 -21.19
CA ALA A 215 -1.90 12.79 -21.86
C ALA A 215 -2.73 11.69 -22.53
N ILE A 216 -3.79 11.22 -21.86
CA ILE A 216 -4.69 10.25 -22.47
C ILE A 216 -5.29 10.81 -23.75
N ARG A 217 -5.86 12.02 -23.66
CA ARG A 217 -6.50 12.64 -24.82
C ARG A 217 -5.50 12.84 -25.96
N ASP A 218 -4.30 13.31 -25.64
CA ASP A 218 -3.29 13.48 -26.69
C ASP A 218 -2.89 12.15 -27.31
N ALA A 219 -2.79 11.09 -26.50
CA ALA A 219 -2.45 9.78 -27.04
C ALA A 219 -3.53 9.28 -27.99
N VAL A 220 -4.80 9.44 -27.61
CA VAL A 220 -5.89 9.03 -28.47
C VAL A 220 -5.83 9.77 -29.79
N ASN A 221 -5.64 11.09 -29.73
CA ASN A 221 -5.69 11.88 -30.96
C ASN A 221 -4.46 11.66 -31.84
N LEU A 222 -3.34 11.24 -31.26
CA LEU A 222 -2.16 10.94 -32.07
C LEU A 222 -2.15 9.50 -32.58
N GLY A 223 -3.22 8.74 -32.35
CA GLY A 223 -3.39 7.44 -32.98
C GLY A 223 -3.07 6.23 -32.14
N ALA A 224 -2.80 6.39 -30.84
CA ALA A 224 -2.52 5.24 -30.00
C ALA A 224 -3.71 4.29 -29.99
N LYS A 225 -3.43 2.99 -30.13
CA LYS A 225 -4.47 1.97 -30.00
C LYS A 225 -4.58 1.44 -28.58
N VAL A 226 -3.49 1.48 -27.81
CA VAL A 226 -3.51 1.08 -26.41
C VAL A 226 -2.68 2.10 -25.64
N ILE A 227 -3.09 2.36 -24.41
CA ILE A 227 -2.41 3.27 -23.50
C ILE A 227 -2.12 2.50 -22.22
N ASN A 228 -0.83 2.41 -21.86
CA ASN A 228 -0.44 1.71 -20.65
C ASN A 228 -0.15 2.71 -19.53
N MET A 229 -0.76 2.49 -18.37
CA MET A 229 -0.62 3.35 -17.20
C MET A 229 -0.18 2.47 -16.03
N SER A 230 1.12 2.25 -15.91
CA SER A 230 1.70 1.44 -14.83
C SER A 230 2.03 2.31 -13.62
N PHE A 231 0.99 2.95 -13.09
CA PHE A 231 1.13 3.77 -11.89
C PHE A 231 -0.24 3.93 -11.27
N GLY A 232 -0.25 4.39 -10.03
CA GLY A 232 -1.52 4.63 -9.36
C GLY A 232 -1.28 5.05 -7.95
N ASN A 233 -2.37 5.45 -7.29
CA ASN A 233 -2.33 5.87 -5.89
C ASN A 233 -3.34 5.04 -5.12
N ALA A 234 -2.86 4.32 -4.11
CA ALA A 234 -3.65 3.30 -3.44
C ALA A 234 -4.92 3.87 -2.81
N ALA A 235 -5.98 3.07 -2.83
CA ALA A 235 -7.22 3.23 -2.09
C ALA A 235 -8.08 4.42 -2.54
N LEU A 236 -7.62 5.23 -3.49
CA LEU A 236 -8.39 6.38 -3.92
C LEU A 236 -9.62 5.96 -4.70
N ALA A 237 -10.71 6.71 -4.52
CA ALA A 237 -11.98 6.42 -5.15
C ALA A 237 -12.08 7.04 -6.54
N TYR A 238 -12.71 6.31 -7.47
CA TYR A 238 -12.93 6.83 -8.81
C TYR A 238 -13.77 8.10 -8.79
N ALA A 239 -14.81 8.15 -7.96
CA ALA A 239 -15.73 9.28 -7.96
C ALA A 239 -15.00 10.60 -7.67
N ASN A 240 -13.89 10.55 -6.94
CA ASN A 240 -13.17 11.76 -6.57
C ASN A 240 -12.23 12.26 -7.66
N LEU A 241 -12.16 11.59 -8.81
CA LEU A 241 -11.35 12.10 -9.90
C LEU A 241 -12.01 13.32 -10.52
N PRO A 242 -11.22 14.27 -11.01
CA PRO A 242 -11.80 15.43 -11.71
C PRO A 242 -12.65 14.98 -12.88
N ASP A 243 -13.68 15.78 -13.19
CA ASP A 243 -14.56 15.45 -14.31
C ASP A 243 -13.77 15.33 -15.61
N GLU A 244 -12.76 16.19 -15.78
CA GLU A 244 -11.90 16.14 -16.97
C GLU A 244 -11.25 14.77 -17.12
N THR A 245 -10.86 14.15 -16.00
CA THR A 245 -10.23 12.84 -16.07
C THR A 245 -11.24 11.77 -16.45
N LYS A 246 -12.41 11.78 -15.81
CA LYS A 246 -13.46 10.84 -16.15
C LYS A 246 -13.85 10.95 -17.62
N LYS A 247 -13.89 12.17 -18.15
CA LYS A 247 -14.24 12.36 -19.55
C LYS A 247 -13.17 11.83 -20.48
N ALA A 248 -11.91 11.86 -20.05
CA ALA A 248 -10.83 11.33 -20.89
C ALA A 248 -10.91 9.82 -21.02
N PHE A 249 -11.18 9.12 -19.91
CA PHE A 249 -11.42 7.68 -19.97
C PHE A 249 -12.54 7.35 -20.95
N ASP A 250 -13.65 8.09 -20.87
CA ASP A 250 -14.77 7.86 -21.78
C ASP A 250 -14.40 8.18 -23.22
N TYR A 251 -13.63 9.24 -23.43
CA TYR A 251 -13.17 9.59 -24.77
C TYR A 251 -12.36 8.45 -25.39
N ALA A 252 -11.40 7.92 -24.63
CA ALA A 252 -10.60 6.80 -25.13
C ALA A 252 -11.48 5.60 -25.51
N LYS A 253 -12.42 5.25 -24.62
CA LYS A 253 -13.28 4.12 -24.90
C LYS A 253 -14.15 4.36 -26.12
N SER A 254 -14.64 5.60 -26.30
CA SER A 254 -15.46 5.91 -27.47
C SER A 254 -14.68 5.81 -28.77
N LYS A 255 -13.35 5.90 -28.72
CA LYS A 255 -12.51 5.76 -29.89
C LYS A 255 -11.93 4.36 -30.03
N GLY A 256 -12.36 3.42 -29.19
CA GLY A 256 -11.81 2.09 -29.27
C GLY A 256 -10.37 1.97 -28.82
N VAL A 257 -9.91 2.87 -27.97
CA VAL A 257 -8.54 2.86 -27.47
C VAL A 257 -8.53 2.20 -26.09
N SER A 258 -7.75 1.14 -25.96
CA SER A 258 -7.67 0.41 -24.71
C SER A 258 -6.80 1.16 -23.72
N ILE A 259 -7.19 1.14 -22.45
CA ILE A 259 -6.38 1.68 -21.38
C ILE A 259 -6.14 0.55 -20.37
N VAL A 260 -4.88 0.24 -20.12
CA VAL A 260 -4.49 -0.84 -19.23
C VAL A 260 -3.77 -0.22 -18.03
N THR A 261 -4.23 -0.57 -16.83
CA THR A 261 -3.73 -0.02 -15.59
C THR A 261 -3.15 -1.13 -14.72
N SER A 262 -2.09 -0.80 -13.98
CA SER A 262 -1.57 -1.74 -12.99
C SER A 262 -2.46 -1.76 -11.76
N ALA A 263 -2.59 -2.94 -11.15
CA ALA A 263 -3.43 -3.05 -9.96
C ALA A 263 -2.86 -2.25 -8.80
N GLY A 264 -1.55 -2.13 -8.73
CA GLY A 264 -0.83 -1.56 -7.60
C GLY A 264 -0.11 -2.63 -6.80
N ASN A 265 0.85 -2.19 -5.99
CA ASN A 265 1.74 -3.08 -5.29
C ASN A 265 1.58 -2.97 -3.77
N ASP A 266 0.34 -2.88 -3.30
CA ASP A 266 0.08 -2.58 -1.90
C ASP A 266 -0.54 -3.75 -1.13
N SER A 267 -0.62 -4.94 -1.72
CA SER A 267 -1.10 -6.15 -1.04
C SER A 267 -2.52 -5.91 -0.56
N SER A 268 -2.82 -6.03 0.73
CA SER A 268 -4.11 -5.69 1.30
C SER A 268 -3.93 -4.61 2.34
N PHE A 269 -5.02 -4.24 3.01
CA PHE A 269 -4.92 -3.38 4.19
C PHE A 269 -3.87 -3.94 5.13
N GLY A 270 -2.96 -3.08 5.59
CA GLY A 270 -1.85 -3.48 6.42
C GLY A 270 -0.53 -3.62 5.69
N GLY A 271 -0.55 -3.80 4.37
CA GLY A 271 0.68 -3.86 3.62
C GLY A 271 1.29 -5.25 3.59
N LYS A 272 2.45 -5.34 2.94
CA LYS A 272 3.06 -6.62 2.62
C LYS A 272 3.65 -7.34 3.83
N THR A 273 3.81 -6.68 4.98
CA THR A 273 4.31 -7.36 6.16
C THR A 273 3.20 -7.81 7.11
N ARG A 274 1.95 -7.55 6.79
CA ARG A 274 0.85 -7.81 7.71
C ARG A 274 -0.27 -8.57 7.02
N LEU A 275 -1.19 -9.08 7.83
CA LEU A 275 -2.47 -9.65 7.45
C LEU A 275 -3.60 -8.79 8.00
N PRO A 276 -4.67 -8.56 7.24
CA PRO A 276 -5.79 -7.78 7.76
C PRO A 276 -6.61 -8.62 8.73
N LEU A 277 -7.37 -7.91 9.57
CA LEU A 277 -8.13 -8.57 10.63
C LEU A 277 -9.42 -9.18 10.08
N ALA A 278 -9.73 -10.39 10.57
CA ALA A 278 -10.92 -11.10 10.10
C ALA A 278 -12.22 -10.36 10.39
N ASP A 279 -12.23 -9.47 11.38
CA ASP A 279 -13.40 -8.64 11.66
C ASP A 279 -13.68 -7.61 10.57
N HIS A 280 -12.74 -7.36 9.67
CA HIS A 280 -12.78 -6.22 8.76
C HIS A 280 -12.53 -6.68 7.33
N PRO A 281 -13.57 -7.13 6.63
CA PRO A 281 -13.38 -7.73 5.31
C PRO A 281 -13.11 -6.74 4.17
N ASP A 282 -13.39 -5.45 4.33
CA ASP A 282 -13.21 -4.50 3.23
C ASP A 282 -11.76 -4.03 3.20
N TYR A 283 -10.86 -4.96 2.85
CA TYR A 283 -9.42 -4.72 2.96
C TYR A 283 -8.74 -4.45 1.63
N GLY A 284 -9.49 -4.18 0.56
CA GLY A 284 -8.88 -3.86 -0.72
C GLY A 284 -8.15 -2.53 -0.69
N VAL A 285 -7.15 -2.41 -1.57
CA VAL A 285 -6.34 -1.19 -1.61
C VAL A 285 -6.13 -0.68 -3.03
N VAL A 286 -6.84 -1.26 -4.01
CA VAL A 286 -6.74 -0.77 -5.38
C VAL A 286 -7.19 0.69 -5.41
N GLY A 287 -6.43 1.53 -6.12
CA GLY A 287 -6.74 2.95 -6.19
C GLY A 287 -7.07 3.45 -7.57
N THR A 288 -6.70 4.70 -7.88
CA THR A 288 -6.92 5.22 -9.23
C THR A 288 -5.58 5.47 -9.93
N PRO A 289 -5.54 5.40 -11.28
CA PRO A 289 -6.63 5.26 -12.26
C PRO A 289 -7.27 3.88 -12.36
N ALA A 290 -6.72 2.87 -11.67
CA ALA A 290 -7.15 1.50 -11.87
C ALA A 290 -8.64 1.34 -11.58
N ALA A 291 -9.17 2.08 -10.59
CA ALA A 291 -10.56 1.92 -10.20
C ALA A 291 -11.55 2.33 -11.28
N ALA A 292 -11.10 3.01 -12.34
CA ALA A 292 -12.00 3.37 -13.42
C ALA A 292 -12.48 2.12 -14.15
N ASP A 293 -13.80 2.00 -14.28
CA ASP A 293 -14.42 0.76 -14.77
C ASP A 293 -13.95 0.39 -16.17
N SER A 294 -13.68 1.38 -17.03
CA SER A 294 -13.36 1.10 -18.42
C SER A 294 -11.94 0.57 -18.62
N THR A 295 -11.04 0.77 -17.67
CA THR A 295 -9.69 0.28 -17.87
C THR A 295 -9.61 -1.22 -17.59
N LEU A 296 -8.54 -1.84 -18.07
CA LEU A 296 -8.25 -3.25 -17.82
C LEU A 296 -7.12 -3.30 -16.79
N THR A 297 -7.44 -3.71 -15.56
CA THR A 297 -6.53 -3.63 -14.43
C THR A 297 -5.85 -4.97 -14.19
N VAL A 298 -4.53 -4.96 -14.12
CA VAL A 298 -3.72 -6.18 -14.20
C VAL A 298 -3.03 -6.43 -12.87
N ALA A 299 -3.25 -7.62 -12.31
CA ALA A 299 -2.52 -8.09 -11.13
C ALA A 299 -1.28 -8.88 -11.55
N SER A 300 -0.40 -9.13 -10.58
CA SER A 300 0.88 -9.81 -10.82
C SER A 300 0.87 -11.21 -10.23
N TYR A 301 1.41 -12.17 -10.99
CA TYR A 301 1.65 -13.52 -10.48
C TYR A 301 2.99 -14.02 -11.01
N SER A 302 3.44 -15.14 -10.44
CA SER A 302 4.66 -15.80 -10.89
C SER A 302 4.32 -17.10 -11.59
N PRO A 303 4.77 -17.31 -12.83
CA PRO A 303 4.63 -18.63 -13.45
C PRO A 303 5.49 -19.66 -12.74
N ASP A 304 5.31 -20.92 -13.13
CA ASP A 304 6.02 -22.01 -12.47
C ASP A 304 7.44 -22.18 -12.99
N LYS A 305 7.84 -21.39 -13.99
CA LYS A 305 9.22 -21.37 -14.47
C LYS A 305 9.55 -19.95 -14.89
N GLN A 306 10.83 -19.62 -14.87
CA GLN A 306 11.25 -18.28 -15.24
C GLN A 306 12.70 -18.31 -15.71
N LEU A 307 13.00 -17.54 -16.75
CA LEU A 307 14.37 -17.35 -17.19
C LEU A 307 15.14 -16.60 -16.10
N THR A 308 16.23 -17.20 -15.62
CA THR A 308 16.93 -16.70 -14.44
C THR A 308 18.42 -16.92 -14.58
N GLU A 309 19.20 -16.03 -13.97
CA GLU A 309 20.60 -16.34 -13.72
C GLU A 309 20.69 -17.52 -12.75
N THR A 310 21.79 -18.27 -12.84
CA THR A 310 21.91 -19.52 -12.10
C THR A 310 23.29 -19.64 -11.48
N ALA A 311 23.38 -20.52 -10.47
CA ALA A 311 24.62 -20.93 -9.85
C ALA A 311 24.65 -22.45 -9.76
N THR A 312 25.85 -23.02 -9.80
CA THR A 312 26.03 -24.46 -9.86
C THR A 312 26.86 -24.94 -8.68
N VAL A 313 26.45 -26.07 -8.10
CA VAL A 313 27.11 -26.67 -6.94
C VAL A 313 27.18 -28.17 -7.16
N LYS A 314 28.26 -28.78 -6.67
CA LYS A 314 28.38 -30.23 -6.67
C LYS A 314 27.76 -30.77 -5.37
N THR A 315 26.78 -31.65 -5.50
CA THR A 315 26.10 -32.22 -4.35
C THR A 315 26.61 -33.63 -4.08
N ASP A 316 26.11 -34.21 -2.99
CA ASP A 316 26.60 -35.51 -2.54
C ASP A 316 26.15 -36.63 -3.47
N ASP A 317 25.03 -36.45 -4.18
CA ASP A 317 24.51 -37.54 -5.02
C ASP A 317 23.81 -37.03 -6.27
N HIS A 318 24.22 -35.88 -6.80
CA HIS A 318 23.64 -35.42 -8.06
C HIS A 318 24.65 -34.67 -8.94
N GLN A 319 25.94 -34.65 -8.58
CA GLN A 319 27.00 -33.96 -9.32
C GLN A 319 26.55 -32.50 -9.51
N ALA A 320 26.58 -31.97 -10.73
CA ALA A 320 26.18 -30.58 -10.95
C ALA A 320 24.71 -30.39 -10.64
N LYS A 321 24.40 -29.29 -9.95
CA LYS A 321 23.05 -28.96 -9.51
C LYS A 321 22.86 -27.47 -9.69
N GLU A 322 21.99 -27.08 -10.63
CA GLU A 322 21.75 -25.67 -10.92
C GLU A 322 20.59 -25.14 -10.11
N MET A 323 20.75 -23.92 -9.60
CA MET A 323 19.70 -23.26 -8.82
C MET A 323 19.53 -21.83 -9.29
N PRO A 324 18.32 -21.30 -9.25
CA PRO A 324 18.11 -19.89 -9.59
C PRO A 324 18.71 -18.97 -8.53
N VAL A 325 19.30 -17.87 -8.99
CA VAL A 325 19.77 -16.80 -8.14
C VAL A 325 19.25 -15.48 -8.70
N LEU A 326 18.98 -14.53 -7.81
CA LEU A 326 18.65 -13.16 -8.20
C LEU A 326 19.70 -12.24 -7.59
N SER A 327 20.60 -11.71 -8.42
CA SER A 327 21.79 -11.03 -7.95
C SER A 327 21.66 -9.52 -8.03
N THR A 328 22.12 -8.85 -6.98
CA THR A 328 22.41 -7.41 -7.01
C THR A 328 23.92 -7.25 -7.06
N ASN A 329 24.39 -6.39 -7.97
CA ASN A 329 25.80 -6.31 -8.34
C ASN A 329 26.21 -7.61 -9.03
N ARG A 330 27.50 -7.79 -9.29
CA ARG A 330 27.96 -8.85 -10.20
C ARG A 330 28.95 -9.77 -9.49
N PHE A 331 28.65 -11.06 -9.49
CA PHE A 331 29.65 -12.08 -9.18
C PHE A 331 30.48 -12.37 -10.42
N GLU A 332 31.69 -12.86 -10.19
CA GLU A 332 32.57 -13.21 -11.31
C GLU A 332 32.09 -14.52 -11.93
N PRO A 333 31.73 -14.54 -13.21
CA PRO A 333 31.23 -15.78 -13.81
C PRO A 333 32.34 -16.80 -13.98
N ASN A 334 31.99 -18.07 -13.77
CA ASN A 334 32.88 -19.22 -13.91
C ASN A 334 33.97 -19.26 -12.84
N LYS A 335 33.81 -18.49 -11.78
CA LYS A 335 34.75 -18.48 -10.67
C LYS A 335 34.21 -19.32 -9.52
N ALA A 336 35.01 -20.27 -9.05
CA ALA A 336 34.58 -21.18 -7.99
C ALA A 336 34.80 -20.49 -6.64
N TYR A 337 33.74 -19.87 -6.13
CA TYR A 337 33.78 -19.27 -4.80
C TYR A 337 33.61 -20.34 -3.73
N ASP A 338 34.25 -20.12 -2.59
CA ASP A 338 33.93 -20.86 -1.38
C ASP A 338 32.87 -20.11 -0.58
N TYR A 339 32.09 -20.85 0.20
CA TYR A 339 31.08 -20.21 1.03
C TYR A 339 31.07 -20.84 2.42
N ALA A 340 30.42 -20.14 3.35
CA ALA A 340 30.34 -20.58 4.73
C ALA A 340 29.01 -20.12 5.33
N TYR A 341 28.42 -20.97 6.14
CA TYR A 341 27.15 -20.66 6.80
C TYR A 341 27.36 -19.65 7.91
N ALA A 342 26.49 -18.64 7.97
CA ALA A 342 26.63 -17.56 8.93
C ALA A 342 25.31 -17.25 9.64
N ASN A 343 24.49 -18.27 9.86
CA ASN A 343 23.24 -18.17 10.64
C ASN A 343 22.36 -17.10 10.01
N ARG A 344 21.81 -16.17 10.79
CA ARG A 344 21.06 -15.05 10.25
C ARG A 344 21.88 -13.78 10.18
N GLY A 345 23.20 -13.88 10.34
CA GLY A 345 24.09 -12.76 10.19
C GLY A 345 23.96 -11.67 11.24
N MET A 346 23.48 -12.02 12.44
CA MET A 346 23.21 -11.00 13.46
C MET A 346 24.43 -10.70 14.33
N LYS A 347 25.26 -11.69 14.62
CA LYS A 347 26.42 -11.52 15.48
C LYS A 347 27.70 -11.63 14.67
N GLU A 348 28.78 -11.05 15.20
CA GLU A 348 30.08 -11.19 14.56
C GLU A 348 30.62 -12.61 14.67
N ASP A 349 30.20 -13.35 15.70
CA ASP A 349 30.62 -14.74 15.83
C ASP A 349 30.06 -15.60 14.70
N ASP A 350 28.92 -15.21 14.13
CA ASP A 350 28.37 -15.91 12.98
C ASP A 350 29.37 -15.95 11.84
N PHE A 351 30.08 -14.84 11.62
CA PHE A 351 31.03 -14.70 10.52
C PHE A 351 32.43 -15.15 10.89
N LYS A 352 32.55 -16.30 11.56
CA LYS A 352 33.86 -16.76 12.02
C LYS A 352 34.74 -17.19 10.84
N ASP A 353 34.20 -18.04 9.96
CA ASP A 353 34.96 -18.61 8.85
C ASP A 353 34.58 -18.00 7.51
N VAL A 354 34.20 -16.72 7.52
CA VAL A 354 33.65 -16.08 6.33
C VAL A 354 34.69 -15.31 5.51
N LYS A 355 35.83 -14.93 6.12
CA LYS A 355 36.84 -14.12 5.46
C LYS A 355 37.25 -14.72 4.11
N GLY A 356 37.11 -13.92 3.06
CA GLY A 356 37.48 -14.33 1.72
C GLY A 356 36.46 -15.20 1.02
N LYS A 357 35.33 -15.50 1.64
CA LYS A 357 34.33 -16.41 1.11
C LYS A 357 32.98 -15.69 0.98
N ILE A 358 32.02 -16.39 0.42
CA ILE A 358 30.65 -15.90 0.35
C ILE A 358 29.94 -16.28 1.64
N ALA A 359 29.36 -15.28 2.31
CA ALA A 359 28.55 -15.54 3.49
C ALA A 359 27.19 -16.08 3.06
N LEU A 360 26.85 -17.29 3.50
CA LEU A 360 25.54 -17.87 3.28
C LEU A 360 24.68 -17.59 4.51
N ILE A 361 23.64 -16.77 4.35
CA ILE A 361 22.89 -16.19 5.46
C ILE A 361 21.41 -16.49 5.28
N GLU A 362 20.73 -16.80 6.38
CA GLU A 362 19.30 -17.05 6.36
C GLU A 362 18.54 -15.76 6.55
N ARG A 363 17.41 -15.64 5.86
CA ARG A 363 16.53 -14.49 6.00
C ARG A 363 15.90 -14.47 7.40
N GLY A 364 15.69 -13.26 7.91
CA GLY A 364 14.95 -13.08 9.15
C GLY A 364 15.61 -12.20 10.20
N ASP A 365 14.77 -11.63 11.08
CA ASP A 365 15.16 -10.84 12.25
C ASP A 365 15.67 -9.45 11.90
N ILE A 366 16.76 -9.35 11.15
CA ILE A 366 17.35 -8.06 10.80
C ILE A 366 17.15 -7.80 9.32
N ASP A 367 17.41 -6.55 8.92
CA ASP A 367 17.25 -6.14 7.53
C ASP A 367 18.34 -6.73 6.64
N PHE A 368 18.04 -6.85 5.34
CA PHE A 368 19.00 -7.37 4.39
C PHE A 368 20.27 -6.52 4.37
N LYS A 369 20.11 -5.19 4.35
CA LYS A 369 21.27 -4.31 4.32
C LYS A 369 22.15 -4.52 5.55
N ASP A 370 21.54 -4.86 6.70
CA ASP A 370 22.32 -5.18 7.89
C ASP A 370 23.13 -6.45 7.70
N LYS A 371 22.47 -7.53 7.24
CA LYS A 371 23.18 -8.79 7.00
C LYS A 371 24.33 -8.59 6.02
N ILE A 372 24.11 -7.79 4.98
CA ILE A 372 25.13 -7.62 3.94
C ILE A 372 26.30 -6.80 4.47
N ALA A 373 26.01 -5.74 5.24
CA ALA A 373 27.09 -4.95 5.82
C ALA A 373 27.90 -5.77 6.81
N ASN A 374 27.24 -6.57 7.65
CA ASN A 374 27.96 -7.39 8.63
C ASN A 374 28.87 -8.39 7.93
N ALA A 375 28.46 -8.90 6.77
CA ALA A 375 29.32 -9.82 6.04
C ALA A 375 30.54 -9.11 5.48
N LYS A 376 30.36 -7.90 4.94
CA LYS A 376 31.49 -7.15 4.42
C LYS A 376 32.47 -6.80 5.54
N LYS A 377 31.95 -6.40 6.70
CA LYS A 377 32.82 -6.09 7.84
C LYS A 377 33.75 -7.25 8.15
N ALA A 378 33.23 -8.48 8.10
CA ALA A 378 34.05 -9.67 8.37
C ALA A 378 34.84 -10.13 7.16
N GLY A 379 34.88 -9.35 6.08
CA GLY A 379 35.72 -9.67 4.94
C GLY A 379 35.14 -10.61 3.92
N ALA A 380 33.82 -10.79 3.89
CA ALA A 380 33.19 -11.60 2.87
C ALA A 380 33.35 -10.94 1.50
N VAL A 381 33.46 -11.78 0.46
CA VAL A 381 33.50 -11.29 -0.91
C VAL A 381 32.13 -11.28 -1.58
N GLY A 382 31.11 -11.82 -0.92
CA GLY A 382 29.77 -11.90 -1.48
C GLY A 382 28.81 -12.44 -0.44
N VAL A 383 27.54 -12.46 -0.80
CA VAL A 383 26.47 -12.84 0.13
C VAL A 383 25.42 -13.66 -0.60
N LEU A 384 25.08 -14.81 -0.06
CA LEU A 384 23.90 -15.58 -0.46
C LEU A 384 22.90 -15.55 0.69
N ILE A 385 21.71 -15.00 0.43
CA ILE A 385 20.64 -14.94 1.43
C ILE A 385 19.52 -15.86 0.96
N TYR A 386 19.13 -16.81 1.81
CA TYR A 386 18.08 -17.74 1.45
C TYR A 386 16.82 -17.49 2.28
N ASP A 387 15.67 -17.78 1.67
CA ASP A 387 14.38 -17.43 2.22
C ASP A 387 14.09 -18.22 3.49
N ASN A 388 13.32 -17.61 4.38
CA ASN A 388 12.76 -18.30 5.54
C ASN A 388 11.33 -18.75 5.30
N GLN A 389 10.78 -18.46 4.12
CA GLN A 389 9.46 -18.94 3.71
C GLN A 389 9.63 -20.09 2.73
N ASP A 390 8.75 -21.07 2.83
CA ASP A 390 8.68 -22.12 1.82
C ASP A 390 7.91 -21.62 0.60
N LYS A 391 8.38 -22.02 -0.59
CA LYS A 391 7.76 -21.64 -1.85
C LYS A 391 7.58 -20.12 -1.95
N GLY A 392 8.61 -19.39 -1.52
CA GLY A 392 8.60 -17.95 -1.59
C GLY A 392 9.03 -17.44 -2.96
N PHE A 393 9.15 -16.12 -3.03
CA PHE A 393 9.54 -15.40 -4.24
C PHE A 393 10.94 -14.82 -4.07
N PRO A 394 11.70 -14.70 -5.16
CA PRO A 394 12.98 -13.98 -5.07
C PRO A 394 12.75 -12.52 -4.70
N ILE A 395 13.55 -12.03 -3.76
CA ILE A 395 13.50 -10.64 -3.32
C ILE A 395 14.78 -9.96 -3.80
N GLU A 396 14.62 -8.82 -4.47
CA GLU A 396 15.78 -8.06 -4.92
C GLU A 396 16.49 -7.45 -3.71
N LEU A 397 17.72 -7.85 -3.50
CA LEU A 397 18.49 -7.40 -2.36
C LEU A 397 19.05 -6.00 -2.59
N PRO A 398 19.20 -5.21 -1.52
CA PRO A 398 19.72 -3.84 -1.68
C PRO A 398 21.18 -3.85 -2.07
N ASN A 399 21.60 -2.75 -2.68
CA ASN A 399 22.99 -2.54 -3.04
C ASN A 399 23.70 -1.87 -1.87
N VAL A 400 24.56 -2.62 -1.19
CA VAL A 400 25.33 -2.10 -0.06
C VAL A 400 26.79 -1.97 -0.48
N ASP A 401 27.18 -0.78 -0.94
CA ASP A 401 28.56 -0.47 -1.27
C ASP A 401 29.14 -1.48 -2.25
N GLN A 402 28.37 -1.78 -3.30
CA GLN A 402 28.74 -2.66 -4.42
C GLN A 402 28.92 -4.11 -4.01
N MET A 403 28.50 -4.51 -2.82
CA MET A 403 28.69 -5.88 -2.37
C MET A 403 27.85 -6.83 -3.22
N PRO A 404 28.44 -7.89 -3.78
CA PRO A 404 27.64 -8.88 -4.52
C PRO A 404 26.75 -9.66 -3.58
N ALA A 405 25.46 -9.70 -3.90
CA ALA A 405 24.48 -10.33 -3.03
C ALA A 405 23.39 -10.97 -3.87
N ALA A 406 23.14 -12.27 -3.64
CA ALA A 406 22.15 -13.03 -4.40
C ALA A 406 21.14 -13.65 -3.46
N PHE A 407 19.86 -13.58 -3.84
CA PHE A 407 18.78 -14.19 -3.10
C PHE A 407 18.45 -15.55 -3.70
N ILE A 408 18.21 -16.54 -2.83
CA ILE A 408 17.89 -17.90 -3.26
C ILE A 408 16.76 -18.44 -2.40
N SER A 409 16.16 -19.53 -2.87
CA SER A 409 15.01 -20.11 -2.20
C SER A 409 15.43 -20.84 -0.93
N ARG A 410 14.43 -21.16 -0.10
CA ARG A 410 14.71 -21.88 1.14
C ARG A 410 15.26 -23.28 0.86
N LYS A 411 14.63 -23.99 -0.09
CA LYS A 411 15.11 -25.33 -0.43
C LYS A 411 16.56 -25.29 -0.92
N ASP A 412 16.89 -24.30 -1.76
CA ASP A 412 18.26 -24.19 -2.25
C ASP A 412 19.22 -23.76 -1.16
N GLY A 413 18.76 -22.89 -0.26
CA GLY A 413 19.62 -22.48 0.85
C GLY A 413 19.93 -23.64 1.80
N LEU A 414 18.90 -24.41 2.17
CA LEU A 414 19.11 -25.55 3.04
C LEU A 414 19.99 -26.60 2.38
N LEU A 415 19.86 -26.77 1.06
CA LEU A 415 20.73 -27.68 0.33
C LEU A 415 22.19 -27.25 0.47
N LEU A 416 22.46 -25.95 0.29
CA LEU A 416 23.84 -25.47 0.41
C LEU A 416 24.36 -25.61 1.83
N LYS A 417 23.48 -25.51 2.83
CA LYS A 417 23.92 -25.58 4.22
C LYS A 417 24.43 -26.97 4.57
N ASP A 418 23.73 -28.01 4.11
CA ASP A 418 24.08 -29.39 4.42
C ASP A 418 24.95 -30.04 3.35
N ASN A 419 25.50 -29.24 2.43
CA ASN A 419 26.31 -29.77 1.35
C ASN A 419 27.76 -29.93 1.80
N SER A 420 28.42 -30.96 1.28
CA SER A 420 29.79 -31.26 1.70
C SER A 420 30.79 -30.31 1.07
N LYS A 421 30.88 -30.31 -0.26
CA LYS A 421 31.79 -29.43 -0.99
C LYS A 421 31.16 -28.04 -1.05
N LYS A 422 31.54 -27.17 -0.12
CA LYS A 422 30.94 -25.83 -0.01
C LYS A 422 31.64 -24.88 -0.97
N THR A 423 31.44 -25.13 -2.26
CA THR A 423 31.96 -24.31 -3.35
C THR A 423 30.84 -24.09 -4.36
N ILE A 424 30.70 -22.85 -4.83
CA ILE A 424 29.61 -22.47 -5.71
C ILE A 424 30.16 -21.64 -6.85
N THR A 425 29.59 -21.80 -8.04
CA THR A 425 30.05 -21.11 -9.24
C THR A 425 28.85 -20.46 -9.93
N PHE A 426 28.99 -19.17 -10.24
CA PHE A 426 27.94 -18.43 -10.92
C PHE A 426 28.13 -18.51 -12.43
N ASN A 427 27.04 -18.79 -13.14
CA ASN A 427 27.07 -19.00 -14.58
C ASN A 427 26.74 -17.70 -15.32
N ALA A 428 27.33 -17.54 -16.50
CA ALA A 428 27.15 -16.30 -17.26
C ALA A 428 25.87 -16.32 -18.09
N THR A 429 25.40 -17.49 -18.50
CA THR A 429 24.22 -17.58 -19.36
C THR A 429 22.99 -17.88 -18.51
N PRO A 430 21.96 -17.04 -18.56
CA PRO A 430 20.69 -17.38 -17.89
C PRO A 430 20.00 -18.52 -18.60
N LYS A 431 19.13 -19.20 -17.86
CA LYS A 431 18.33 -20.28 -18.43
C LYS A 431 17.03 -20.39 -17.65
N VAL A 432 16.08 -21.11 -18.25
CA VAL A 432 14.75 -21.27 -17.68
C VAL A 432 14.80 -22.44 -16.70
N LEU A 433 14.46 -22.17 -15.45
CA LEU A 433 14.39 -23.15 -14.38
C LEU A 433 13.05 -23.02 -13.68
N PRO A 434 12.60 -24.06 -13.01
CA PRO A 434 11.38 -23.93 -12.20
C PRO A 434 11.54 -22.87 -11.13
N THR A 435 10.43 -22.22 -10.78
CA THR A 435 10.41 -21.25 -9.70
C THR A 435 10.09 -21.96 -8.40
N ALA A 436 10.69 -21.48 -7.31
CA ALA A 436 10.38 -22.05 -6.00
C ALA A 436 8.91 -21.85 -5.64
N SER A 437 8.29 -20.77 -6.13
CA SER A 437 6.92 -20.43 -5.76
C SER A 437 5.88 -21.33 -6.42
N ASP A 438 6.22 -21.95 -7.56
CA ASP A 438 5.25 -22.55 -8.47
C ASP A 438 4.31 -21.44 -8.96
N THR A 439 3.18 -21.82 -9.55
CA THR A 439 2.23 -20.82 -10.03
C THR A 439 1.54 -20.18 -8.84
N LYS A 440 1.76 -18.88 -8.65
CA LYS A 440 1.36 -18.25 -7.40
C LYS A 440 1.21 -16.75 -7.60
N LEU A 441 0.15 -16.18 -7.03
CA LEU A 441 -0.04 -14.73 -7.14
C LEU A 441 0.96 -14.00 -6.26
N SER A 442 1.44 -12.87 -6.75
CA SER A 442 2.48 -12.11 -6.06
C SER A 442 1.97 -11.57 -4.74
N ARG A 443 2.79 -11.67 -3.70
CA ARG A 443 2.42 -11.17 -2.39
C ARG A 443 2.14 -9.67 -2.41
N PHE A 444 2.86 -8.92 -3.26
CA PHE A 444 2.70 -7.47 -3.29
C PHE A 444 1.45 -7.01 -4.06
N SER A 445 0.86 -7.87 -4.89
CA SER A 445 -0.19 -7.45 -5.80
C SER A 445 -1.42 -6.95 -5.04
N SER A 446 -1.93 -5.78 -5.44
CA SER A 446 -3.00 -5.12 -4.69
C SER A 446 -4.32 -5.89 -4.81
N TRP A 447 -5.00 -6.08 -3.68
CA TRP A 447 -6.32 -6.69 -3.64
C TRP A 447 -7.41 -5.66 -3.90
N GLY A 448 -8.51 -6.10 -4.53
CA GLY A 448 -9.75 -5.37 -4.47
C GLY A 448 -10.47 -5.64 -3.15
N LEU A 449 -11.64 -5.01 -2.96
CA LEU A 449 -12.36 -4.23 -3.97
C LEU A 449 -11.96 -2.77 -3.98
N THR A 450 -12.45 -2.02 -4.97
CA THR A 450 -12.22 -0.57 -4.99
C THR A 450 -12.97 0.11 -3.84
N ALA A 451 -12.67 1.40 -3.65
CA ALA A 451 -13.33 2.16 -2.60
C ALA A 451 -14.85 2.09 -2.72
N ASP A 452 -15.38 2.23 -3.93
CA ASP A 452 -16.83 2.14 -4.16
C ASP A 452 -17.33 0.70 -4.19
N GLY A 453 -16.46 -0.28 -3.97
CA GLY A 453 -16.88 -1.67 -3.89
C GLY A 453 -16.98 -2.39 -5.21
N ASN A 454 -16.35 -1.89 -6.26
CA ASN A 454 -16.37 -2.55 -7.56
C ASN A 454 -15.23 -3.57 -7.67
N ILE A 455 -15.38 -4.49 -8.61
CA ILE A 455 -14.49 -5.64 -8.73
C ILE A 455 -13.25 -5.21 -9.53
N LYS A 456 -12.11 -5.17 -8.85
CA LYS A 456 -10.79 -5.02 -9.44
C LYS A 456 -9.87 -5.89 -8.60
N PRO A 457 -8.78 -6.42 -9.18
CA PRO A 457 -8.31 -6.29 -10.56
C PRO A 457 -9.16 -7.12 -11.53
N ASP A 458 -8.87 -7.00 -12.83
CA ASP A 458 -9.62 -7.69 -13.87
C ASP A 458 -8.94 -8.95 -14.38
N ILE A 459 -7.61 -9.02 -14.28
CA ILE A 459 -6.84 -10.08 -14.94
C ILE A 459 -5.44 -10.05 -14.34
N ALA A 460 -4.65 -11.10 -14.60
CA ALA A 460 -3.30 -11.21 -14.04
C ALA A 460 -2.31 -11.56 -15.14
N ALA A 461 -1.05 -11.15 -14.93
CA ALA A 461 0.00 -11.43 -15.90
C ALA A 461 1.32 -11.56 -15.14
N PRO A 462 2.32 -12.25 -15.72
CA PRO A 462 3.59 -12.42 -15.03
C PRO A 462 4.24 -11.09 -14.66
N GLY A 463 4.64 -10.97 -13.39
CA GLY A 463 5.24 -9.75 -12.90
C GLY A 463 6.43 -9.91 -11.96
N GLN A 464 6.99 -11.11 -11.87
CA GLN A 464 8.14 -11.38 -11.00
C GLN A 464 9.44 -11.37 -11.81
N ASP A 465 10.36 -10.50 -11.43
CA ASP A 465 11.74 -10.51 -11.94
C ASP A 465 11.77 -10.47 -13.46
N ILE A 466 11.08 -9.48 -14.03
CA ILE A 466 10.98 -9.33 -15.48
C ILE A 466 12.18 -8.53 -15.98
N LEU A 467 12.88 -9.07 -16.97
CA LEU A 467 14.06 -8.42 -17.52
C LEU A 467 13.63 -7.44 -18.60
N SER A 468 14.03 -6.17 -18.46
CA SER A 468 13.68 -5.18 -19.47
C SER A 468 14.67 -4.03 -19.41
N SER A 469 14.46 -3.05 -20.28
CA SER A 469 15.38 -1.95 -20.48
C SER A 469 15.29 -0.92 -19.35
N VAL A 470 16.43 -0.44 -18.90
CA VAL A 470 16.44 0.64 -17.91
C VAL A 470 17.32 1.78 -18.42
N ALA A 471 17.71 2.69 -17.53
CA ALA A 471 18.40 3.90 -17.97
C ALA A 471 19.80 3.59 -18.47
N ASN A 472 20.31 4.50 -19.31
CA ASN A 472 21.71 4.46 -19.79
C ASN A 472 22.00 3.19 -20.58
N ASN A 473 21.05 2.78 -21.43
CA ASN A 473 21.23 1.68 -22.35
C ASN A 473 21.47 0.35 -21.64
N LYS A 474 20.97 0.21 -20.41
CA LYS A 474 21.19 -0.98 -19.61
C LYS A 474 19.89 -1.77 -19.47
N TYR A 475 19.98 -2.89 -18.76
CA TYR A 475 18.85 -3.78 -18.52
C TYR A 475 18.89 -4.22 -17.06
N ALA A 476 17.71 -4.52 -16.53
CA ALA A 476 17.61 -5.01 -15.16
C ALA A 476 16.28 -5.74 -14.99
N LYS A 477 16.23 -6.58 -13.96
CA LYS A 477 15.01 -7.25 -13.56
C LYS A 477 14.28 -6.43 -12.50
N LEU A 478 12.96 -6.34 -12.65
CA LEU A 478 12.11 -5.65 -11.69
C LEU A 478 10.83 -6.45 -11.51
N SER A 479 10.27 -6.38 -10.32
CA SER A 479 8.99 -7.02 -10.00
C SER A 479 7.93 -5.95 -9.72
N GLY A 480 6.69 -6.26 -10.05
CA GLY A 480 5.58 -5.37 -9.75
C GLY A 480 4.44 -5.55 -10.73
N THR A 481 3.26 -5.07 -10.33
CA THR A 481 2.14 -5.02 -11.28
C THR A 481 2.42 -4.06 -12.42
N SER A 482 3.41 -3.16 -12.24
CA SER A 482 3.83 -2.28 -13.33
C SER A 482 4.46 -3.05 -14.48
N MET A 483 5.05 -4.22 -14.19
CA MET A 483 5.59 -5.08 -15.24
C MET A 483 4.52 -5.95 -15.87
N SER A 484 3.50 -6.33 -15.10
CA SER A 484 2.40 -7.13 -15.63
C SER A 484 1.59 -6.37 -16.66
N ALA A 485 1.26 -5.11 -16.38
CA ALA A 485 0.34 -4.35 -17.23
C ALA A 485 0.80 -4.20 -18.68
N PRO A 486 2.06 -3.81 -18.98
CA PRO A 486 2.43 -3.61 -20.39
C PRO A 486 2.45 -4.90 -21.20
N LEU A 487 2.61 -6.06 -20.55
CA LEU A 487 2.46 -7.31 -21.28
C LEU A 487 1.02 -7.49 -21.75
N VAL A 488 0.06 -7.27 -20.85
CA VAL A 488 -1.36 -7.32 -21.21
C VAL A 488 -1.69 -6.23 -22.23
N ALA A 489 -1.12 -5.03 -22.05
CA ALA A 489 -1.35 -3.95 -23.02
C ALA A 489 -0.93 -4.38 -24.41
N GLY A 490 0.22 -5.06 -24.53
CA GLY A 490 0.66 -5.53 -25.82
C GLY A 490 -0.25 -6.60 -26.40
N ILE A 491 -0.71 -7.51 -25.54
CA ILE A 491 -1.65 -8.54 -25.99
C ILE A 491 -2.94 -7.90 -26.46
N MET A 492 -3.45 -6.92 -25.71
CA MET A 492 -4.66 -6.23 -26.12
CA MET A 492 -4.65 -6.21 -26.12
C MET A 492 -4.48 -5.58 -27.50
N GLY A 493 -3.35 -4.90 -27.70
CA GLY A 493 -3.11 -4.25 -28.98
C GLY A 493 -3.12 -5.23 -30.14
N LEU A 494 -2.45 -6.38 -29.98
CA LEU A 494 -2.41 -7.36 -31.06
C LEU A 494 -3.76 -8.00 -31.28
N LEU A 495 -4.52 -8.24 -30.21
CA LEU A 495 -5.85 -8.81 -30.38
C LEU A 495 -6.78 -7.82 -31.08
N GLN A 496 -6.63 -6.53 -30.78
CA GLN A 496 -7.40 -5.53 -31.51
C GLN A 496 -7.05 -5.52 -32.99
N LYS A 497 -5.77 -5.73 -33.31
CA LYS A 497 -5.37 -5.84 -34.71
C LYS A 497 -5.99 -7.08 -35.36
N GLN A 498 -5.99 -8.20 -34.64
CA GLN A 498 -6.63 -9.41 -35.14
C GLN A 498 -8.12 -9.17 -35.43
N TYR A 499 -8.80 -8.43 -34.56
CA TYR A 499 -10.23 -8.22 -34.70
C TYR A 499 -10.58 -7.26 -35.84
N GLU A 500 -9.65 -6.39 -36.24
CA GLU A 500 -9.89 -5.56 -37.43
C GLU A 500 -10.16 -6.42 -38.65
N THR A 501 -9.52 -7.60 -38.74
CA THR A 501 -9.80 -8.54 -39.81
C THR A 501 -10.93 -9.50 -39.49
N GLN A 502 -11.02 -9.99 -38.24
CA GLN A 502 -12.01 -11.00 -37.89
C GLN A 502 -13.42 -10.41 -37.72
N TYR A 503 -13.52 -9.19 -37.19
CA TYR A 503 -14.82 -8.55 -36.96
C TYR A 503 -14.81 -7.16 -37.57
N PRO A 504 -14.74 -7.06 -38.91
CA PRO A 504 -14.60 -5.74 -39.53
C PRO A 504 -15.87 -4.90 -39.54
N ASP A 505 -17.04 -5.49 -39.31
CA ASP A 505 -18.28 -4.72 -39.29
C ASP A 505 -18.60 -4.14 -37.92
N MET A 506 -17.77 -4.42 -36.91
CA MET A 506 -17.89 -3.74 -35.63
C MET A 506 -17.22 -2.36 -35.69
N THR A 507 -17.64 -1.47 -34.79
CA THR A 507 -16.94 -0.21 -34.60
C THR A 507 -15.68 -0.45 -33.78
N PRO A 508 -14.76 0.53 -33.74
CA PRO A 508 -13.60 0.39 -32.84
C PRO A 508 -13.98 0.15 -31.38
N SER A 509 -15.00 0.85 -30.88
CA SER A 509 -15.42 0.67 -29.48
C SER A 509 -16.01 -0.72 -29.26
N GLU A 510 -16.70 -1.27 -30.25
CA GLU A 510 -17.22 -2.63 -30.11
C GLU A 510 -16.12 -3.67 -30.16
N ARG A 511 -15.08 -3.44 -30.98
CA ARG A 511 -13.94 -4.35 -31.01
C ARG A 511 -13.17 -4.32 -29.69
N LEU A 512 -13.02 -3.13 -29.11
CA LEU A 512 -12.34 -3.00 -27.83
C LEU A 512 -13.12 -3.71 -26.73
N ASP A 513 -14.43 -3.50 -26.69
CA ASP A 513 -15.26 -4.16 -25.69
C ASP A 513 -15.17 -5.68 -25.82
N LEU A 514 -15.13 -6.18 -27.06
CA LEU A 514 -15.00 -7.62 -27.27
C LEU A 514 -13.65 -8.14 -26.81
N ALA A 515 -12.58 -7.41 -27.14
CA ALA A 515 -11.24 -7.87 -26.78
C ALA A 515 -11.08 -7.98 -25.26
N LYS A 516 -11.62 -7.01 -24.52
CA LYS A 516 -11.52 -7.06 -23.07
C LYS A 516 -12.30 -8.26 -22.52
N LYS A 517 -13.47 -8.54 -23.08
CA LYS A 517 -14.27 -9.67 -22.63
C LYS A 517 -13.59 -10.99 -22.95
N VAL A 518 -13.02 -11.11 -24.15
CA VAL A 518 -12.34 -12.35 -24.52
C VAL A 518 -11.09 -12.56 -23.68
N LEU A 519 -10.33 -11.49 -23.44
CA LEU A 519 -9.12 -11.61 -22.61
C LEU A 519 -9.48 -12.09 -21.20
N MET A 520 -10.54 -11.54 -20.62
CA MET A 520 -10.93 -11.95 -19.28
C MET A 520 -11.56 -13.33 -19.27
N SER A 521 -12.44 -13.63 -20.24
CA SER A 521 -13.06 -14.95 -20.29
C SER A 521 -12.01 -16.05 -20.52
N SER A 522 -11.16 -15.86 -21.53
CA SER A 522 -10.17 -16.89 -21.86
C SER A 522 -9.03 -16.98 -20.84
N ALA A 523 -8.90 -16.00 -19.94
CA ALA A 523 -7.86 -16.07 -18.92
C ALA A 523 -8.09 -17.30 -18.03
N THR A 524 -6.99 -17.90 -17.59
CA THR A 524 -7.04 -19.18 -16.88
C THR A 524 -7.08 -18.92 -15.38
N ALA A 525 -8.14 -19.38 -14.72
CA ALA A 525 -8.24 -19.24 -13.29
C ALA A 525 -7.10 -20.00 -12.62
N LEU A 526 -6.29 -19.28 -11.84
CA LEU A 526 -5.13 -19.89 -11.21
C LEU A 526 -5.54 -20.61 -9.93
N TYR A 527 -4.91 -21.77 -9.69
CA TYR A 527 -5.27 -22.70 -8.64
C TYR A 527 -4.21 -22.71 -7.55
N ASP A 528 -4.62 -22.55 -6.30
CA ASP A 528 -3.69 -22.61 -5.18
C ASP A 528 -3.55 -24.08 -4.79
N GLU A 529 -2.38 -24.66 -5.09
CA GLU A 529 -2.19 -26.09 -4.84
C GLU A 529 -2.13 -26.40 -3.35
N ASP A 530 -1.60 -25.49 -2.54
CA ASP A 530 -1.51 -25.75 -1.11
C ASP A 530 -2.89 -25.75 -0.45
N GLU A 531 -3.76 -24.84 -0.86
CA GLU A 531 -5.10 -24.74 -0.27
C GLU A 531 -6.14 -25.56 -1.02
N LYS A 532 -5.82 -26.05 -2.21
CA LYS A 532 -6.76 -26.78 -3.06
C LYS A 532 -8.00 -25.93 -3.32
N ALA A 533 -7.77 -24.72 -3.82
CA ALA A 533 -8.83 -23.80 -4.20
C ALA A 533 -8.24 -22.75 -5.15
N TYR A 534 -9.12 -22.13 -5.93
CA TYR A 534 -8.67 -21.08 -6.83
C TYR A 534 -8.40 -19.80 -6.04
N PHE A 535 -7.33 -19.10 -6.42
CA PHE A 535 -7.06 -17.81 -5.79
C PHE A 535 -8.27 -16.89 -5.94
N SER A 536 -8.50 -16.07 -4.92
CA SER A 536 -9.71 -15.26 -4.88
C SER A 536 -9.80 -14.36 -6.12
N PRO A 537 -10.99 -14.19 -6.69
CA PRO A 537 -11.16 -13.16 -7.73
C PRO A 537 -10.79 -11.76 -7.30
N ARG A 538 -10.84 -11.46 -6.00
CA ARG A 538 -10.39 -10.15 -5.54
C ARG A 538 -8.88 -10.00 -5.62
N GLN A 539 -8.16 -11.10 -5.86
CA GLN A 539 -6.71 -11.06 -6.02
C GLN A 539 -6.26 -11.28 -7.46
N GLN A 540 -6.92 -12.15 -8.21
CA GLN A 540 -6.49 -12.48 -9.56
C GLN A 540 -7.47 -12.03 -10.64
N GLY A 541 -8.61 -11.45 -10.26
CA GLY A 541 -9.58 -11.05 -11.26
C GLY A 541 -10.15 -12.26 -11.98
N ALA A 542 -10.21 -12.20 -13.31
CA ALA A 542 -10.76 -13.31 -14.10
C ALA A 542 -9.72 -14.36 -14.47
N GLY A 543 -8.49 -14.26 -14.00
CA GLY A 543 -7.48 -15.29 -14.23
C GLY A 543 -6.23 -14.74 -14.88
N ALA A 544 -5.33 -15.66 -15.22
CA ALA A 544 -4.05 -15.32 -15.85
C ALA A 544 -4.21 -15.23 -17.37
N VAL A 545 -3.72 -14.13 -17.96
CA VAL A 545 -3.89 -13.91 -19.39
C VAL A 545 -3.21 -15.01 -20.19
N ASP A 546 -3.86 -15.42 -21.28
CA ASP A 546 -3.30 -16.45 -22.16
C ASP A 546 -3.58 -16.00 -23.60
N ALA A 547 -2.52 -15.55 -24.28
CA ALA A 547 -2.70 -15.00 -25.62
C ALA A 547 -3.07 -16.07 -26.65
N LYS A 548 -2.64 -17.31 -26.43
CA LYS A 548 -3.05 -18.39 -27.32
C LYS A 548 -4.55 -18.68 -27.21
N LYS A 549 -5.04 -18.88 -25.98
CA LYS A 549 -6.48 -19.09 -25.79
C LYS A 549 -7.28 -17.90 -26.28
N ALA A 550 -6.78 -16.68 -26.02
CA ALA A 550 -7.53 -15.48 -26.41
C ALA A 550 -7.59 -15.35 -27.92
N SER A 551 -6.49 -15.61 -28.62
CA SER A 551 -6.49 -15.51 -30.07
C SER A 551 -7.39 -16.56 -30.71
N ALA A 552 -7.51 -17.73 -30.08
CA ALA A 552 -8.31 -18.80 -30.64
C ALA A 552 -9.79 -18.67 -30.31
N ALA A 553 -10.16 -17.83 -29.34
CA ALA A 553 -11.51 -17.84 -28.81
C ALA A 553 -12.54 -17.35 -29.82
N THR A 554 -13.65 -18.09 -29.90
CA THR A 554 -14.84 -17.65 -30.64
C THR A 554 -16.03 -17.51 -29.70
N MET A 555 -15.82 -17.63 -28.40
CA MET A 555 -16.85 -17.47 -27.39
C MET A 555 -16.32 -16.62 -26.24
N TYR A 556 -17.24 -16.04 -25.48
CA TYR A 556 -16.87 -15.35 -24.24
C TYR A 556 -18.10 -15.36 -23.34
N VAL A 557 -17.89 -14.99 -22.07
CA VAL A 557 -18.96 -15.04 -21.08
C VAL A 557 -19.00 -13.72 -20.32
N THR A 558 -20.21 -13.24 -20.02
CA THR A 558 -20.44 -11.98 -19.35
C THR A 558 -21.48 -12.16 -18.24
N ASP A 559 -21.73 -11.09 -17.49
CA ASP A 559 -22.87 -11.06 -16.57
C ASP A 559 -24.17 -10.94 -17.36
N LYS A 560 -25.29 -10.95 -16.65
CA LYS A 560 -26.60 -11.04 -17.29
C LYS A 560 -26.90 -9.83 -18.17
N ASP A 561 -26.29 -8.67 -17.90
CA ASP A 561 -26.53 -7.46 -18.65
C ASP A 561 -25.51 -7.22 -19.76
N ASN A 562 -24.63 -8.19 -20.02
CA ASN A 562 -23.63 -8.11 -21.09
C ASN A 562 -22.69 -6.91 -20.93
N THR A 563 -22.34 -6.55 -19.70
CA THR A 563 -21.47 -5.40 -19.47
C THR A 563 -20.01 -5.76 -19.24
N SER A 564 -19.71 -6.83 -18.49
CA SER A 564 -18.33 -7.19 -18.23
C SER A 564 -18.25 -8.68 -17.95
N SER A 565 -17.03 -9.22 -18.07
CA SER A 565 -16.77 -10.63 -17.83
C SER A 565 -16.53 -10.87 -16.34
N LYS A 566 -17.44 -10.39 -15.51
CA LYS A 566 -17.39 -10.57 -14.06
C LYS A 566 -18.79 -10.30 -13.53
N VAL A 567 -19.12 -10.96 -12.42
CA VAL A 567 -20.45 -10.89 -11.84
C VAL A 567 -20.34 -10.33 -10.43
N HIS A 568 -20.97 -9.20 -10.19
CA HIS A 568 -21.01 -8.59 -8.86
C HIS A 568 -22.41 -8.79 -8.30
N LEU A 569 -22.50 -9.50 -7.18
CA LEU A 569 -23.78 -9.82 -6.56
C LEU A 569 -24.13 -8.90 -5.41
N ASN A 570 -23.24 -8.00 -5.02
CA ASN A 570 -23.46 -7.06 -3.89
C ASN A 570 -23.73 -7.91 -2.65
N ASN A 571 -24.71 -7.55 -1.83
CA ASN A 571 -25.00 -8.31 -0.61
C ASN A 571 -25.84 -9.53 -0.94
N VAL A 572 -25.49 -10.66 -0.31
CA VAL A 572 -26.21 -11.90 -0.53
C VAL A 572 -26.53 -12.54 0.82
N SER A 573 -27.56 -13.38 0.82
CA SER A 573 -27.78 -14.30 1.91
C SER A 573 -27.11 -15.63 1.57
N ASP A 574 -27.38 -16.68 2.33
CA ASP A 574 -26.72 -17.96 2.09
C ASP A 574 -27.18 -18.61 0.79
N LYS A 575 -28.36 -18.25 0.29
CA LYS A 575 -28.90 -18.77 -0.97
C LYS A 575 -28.93 -17.64 -1.99
N PHE A 576 -28.32 -17.88 -3.16
CA PHE A 576 -28.35 -16.89 -4.23
C PHE A 576 -28.07 -17.61 -5.56
N GLU A 577 -28.25 -16.86 -6.65
CA GLU A 577 -28.07 -17.39 -7.99
C GLU A 577 -27.00 -16.59 -8.73
N VAL A 578 -26.16 -17.30 -9.47
CA VAL A 578 -25.16 -16.71 -10.35
C VAL A 578 -25.64 -16.91 -11.77
N THR A 579 -26.00 -15.82 -12.45
CA THR A 579 -26.44 -15.85 -13.83
C THR A 579 -25.34 -15.28 -14.72
N VAL A 580 -25.01 -16.00 -15.79
CA VAL A 580 -24.03 -15.54 -16.78
C VAL A 580 -24.58 -15.80 -18.17
N THR A 581 -24.13 -15.00 -19.12
CA THR A 581 -24.50 -15.13 -20.53
C THR A 581 -23.31 -15.64 -21.32
N VAL A 582 -23.51 -16.72 -22.08
CA VAL A 582 -22.48 -17.28 -22.94
C VAL A 582 -22.73 -16.77 -24.34
N HIS A 583 -21.73 -16.10 -24.94
CA HIS A 583 -21.84 -15.54 -26.27
C HIS A 583 -21.03 -16.38 -27.24
N ASN A 584 -21.66 -16.82 -28.33
CA ASN A 584 -21.03 -17.64 -29.36
C ASN A 584 -20.95 -16.81 -30.63
N LYS A 585 -19.73 -16.47 -31.04
CA LYS A 585 -19.52 -15.66 -32.24
C LYS A 585 -19.13 -16.49 -33.46
N SER A 586 -19.18 -17.82 -33.37
CA SER A 586 -18.82 -18.65 -34.50
C SER A 586 -20.07 -19.02 -35.31
N ASP A 587 -19.84 -19.57 -36.50
CA ASP A 587 -20.91 -19.93 -37.43
C ASP A 587 -21.59 -21.24 -37.10
N LYS A 588 -21.13 -21.95 -36.06
CA LYS A 588 -21.67 -23.25 -35.70
C LYS A 588 -22.07 -23.25 -34.23
N PRO A 589 -23.11 -23.99 -33.87
CA PRO A 589 -23.49 -24.08 -32.45
C PRO A 589 -22.41 -24.82 -31.67
N GLN A 590 -22.29 -24.48 -30.38
CA GLN A 590 -21.26 -25.05 -29.53
C GLN A 590 -21.89 -25.54 -28.23
N GLU A 591 -21.42 -26.69 -27.75
CA GLU A 591 -21.87 -27.26 -26.49
C GLU A 591 -20.75 -27.15 -25.47
N LEU A 592 -21.12 -26.76 -24.24
CA LEU A 592 -20.18 -26.60 -23.16
C LEU A 592 -20.72 -27.24 -21.90
N TYR A 593 -19.80 -27.62 -21.02
CA TYR A 593 -20.10 -28.03 -19.66
C TYR A 593 -19.67 -26.90 -18.74
N TYR A 594 -20.47 -26.63 -17.71
CA TYR A 594 -20.11 -25.60 -16.75
C TYR A 594 -20.34 -26.10 -15.33
N GLN A 595 -19.61 -25.48 -14.41
CA GLN A 595 -19.61 -25.77 -13.00
C GLN A 595 -19.14 -24.51 -12.27
N ALA A 596 -19.65 -24.31 -11.07
CA ALA A 596 -19.25 -23.17 -10.24
C ALA A 596 -18.48 -23.66 -9.03
N THR A 597 -17.41 -22.94 -8.68
CA THR A 597 -16.80 -23.12 -7.38
C THR A 597 -17.41 -22.15 -6.40
N VAL A 598 -17.47 -22.57 -5.14
CA VAL A 598 -17.97 -21.74 -4.04
C VAL A 598 -16.87 -21.67 -3.00
N GLN A 599 -16.45 -20.45 -2.65
CA GLN A 599 -15.29 -20.31 -1.80
C GLN A 599 -15.38 -19.02 -1.01
N THR A 600 -14.48 -18.89 -0.05
CA THR A 600 -14.44 -17.71 0.82
C THR A 600 -12.99 -17.46 1.20
N ASP A 601 -12.77 -16.62 2.22
CA ASP A 601 -11.44 -16.37 2.74
C ASP A 601 -11.02 -17.47 3.73
N LYS A 602 -9.76 -17.86 3.64
CA LYS A 602 -9.14 -18.63 4.71
C LYS A 602 -8.81 -17.70 5.88
N VAL A 603 -8.95 -18.22 7.11
CA VAL A 603 -8.73 -17.43 8.31
C VAL A 603 -7.78 -18.18 9.23
N ASP A 604 -6.75 -17.47 9.71
CA ASP A 604 -5.80 -18.01 10.69
C ASP A 604 -5.95 -17.21 11.98
N GLY A 605 -6.67 -17.76 12.95
CA GLY A 605 -6.85 -17.06 14.21
C GLY A 605 -7.71 -15.82 14.01
N LYS A 606 -7.15 -14.66 14.34
CA LYS A 606 -7.88 -13.40 14.22
C LYS A 606 -7.69 -12.74 12.86
N HIS A 607 -6.86 -13.29 11.98
CA HIS A 607 -6.47 -12.64 10.74
C HIS A 607 -6.97 -13.41 9.52
N PHE A 608 -7.35 -12.68 8.48
CA PHE A 608 -7.42 -13.28 7.16
C PHE A 608 -6.05 -13.82 6.78
N ALA A 609 -6.03 -15.02 6.18
CA ALA A 609 -4.76 -15.57 5.73
C ALA A 609 -4.32 -15.00 4.38
N LEU A 610 -5.18 -14.24 3.71
CA LEU A 610 -4.95 -13.80 2.32
C LEU A 610 -4.74 -15.02 1.42
N ALA A 611 -5.61 -16.00 1.60
CA ALA A 611 -5.60 -17.25 0.86
C ALA A 611 -7.04 -17.73 0.74
N PRO A 612 -7.34 -18.55 -0.26
CA PRO A 612 -8.73 -18.98 -0.46
C PRO A 612 -9.09 -20.21 0.36
N LYS A 613 -10.39 -20.34 0.63
CA LYS A 613 -10.94 -21.50 1.32
C LYS A 613 -12.05 -22.08 0.47
N ALA A 614 -11.83 -23.27 -0.07
CA ALA A 614 -12.86 -23.94 -0.85
C ALA A 614 -13.99 -24.40 0.07
N LEU A 615 -15.23 -24.11 -0.34
CA LEU A 615 -16.40 -24.65 0.34
C LEU A 615 -16.93 -25.87 -0.40
N TYR A 616 -17.40 -25.69 -1.64
CA TYR A 616 -17.76 -26.83 -2.47
C TYR A 616 -17.83 -26.38 -3.92
N GLU A 617 -18.01 -27.35 -4.82
CA GLU A 617 -18.19 -27.10 -6.24
C GLU A 617 -19.51 -27.72 -6.68
N THR A 618 -20.21 -27.04 -7.59
CA THR A 618 -21.47 -27.58 -8.09
C THR A 618 -21.21 -28.72 -9.07
N SER A 619 -22.28 -29.41 -9.45
CA SER A 619 -22.18 -30.49 -10.41
C SER A 619 -22.14 -29.92 -11.83
N TRP A 620 -21.45 -30.64 -12.73
CA TRP A 620 -21.31 -30.20 -14.11
C TRP A 620 -22.66 -30.22 -14.81
N GLN A 621 -22.98 -29.15 -15.52
CA GLN A 621 -24.18 -29.09 -16.35
C GLN A 621 -23.78 -28.72 -17.77
N LYS A 622 -24.77 -28.73 -18.67
CA LYS A 622 -24.54 -28.61 -20.11
C LYS A 622 -25.35 -27.47 -20.70
N ILE A 623 -24.78 -26.84 -21.73
CA ILE A 623 -25.48 -25.79 -22.46
C ILE A 623 -25.01 -25.84 -23.92
N THR A 624 -25.95 -25.69 -24.84
CA THR A 624 -25.64 -25.55 -26.26
C THR A 624 -26.05 -24.15 -26.69
N ILE A 625 -25.09 -23.39 -27.22
CA ILE A 625 -25.32 -22.02 -27.67
C ILE A 625 -25.41 -22.03 -29.19
N PRO A 626 -26.52 -21.58 -29.79
CA PRO A 626 -26.62 -21.54 -31.25
C PRO A 626 -25.60 -20.58 -31.84
N ALA A 627 -25.33 -20.77 -33.14
CA ALA A 627 -24.38 -19.94 -33.83
C ALA A 627 -24.76 -18.47 -33.75
N ASN A 628 -23.74 -17.61 -33.64
CA ASN A 628 -23.91 -16.15 -33.67
C ASN A 628 -25.03 -15.70 -32.74
N SER A 629 -25.05 -16.27 -31.53
CA SER A 629 -26.13 -16.01 -30.60
C SER A 629 -25.58 -16.12 -29.17
N SER A 630 -26.48 -16.10 -28.19
CA SER A 630 -26.09 -16.17 -26.80
C SER A 630 -27.20 -16.86 -26.00
N LYS A 631 -26.82 -17.43 -24.86
CA LYS A 631 -27.77 -18.06 -23.95
C LYS A 631 -27.33 -17.78 -22.52
N GLN A 632 -28.30 -17.62 -21.64
CA GLN A 632 -28.02 -17.44 -20.22
C GLN A 632 -28.10 -18.78 -19.49
N VAL A 633 -27.28 -18.92 -18.44
CA VAL A 633 -27.38 -20.04 -17.51
C VAL A 633 -27.37 -19.47 -16.10
N THR A 634 -27.99 -20.20 -15.18
CA THR A 634 -28.12 -19.77 -13.80
C THR A 634 -27.71 -20.93 -12.90
N VAL A 635 -26.75 -20.67 -12.01
CA VAL A 635 -26.24 -21.67 -11.07
C VAL A 635 -26.75 -21.32 -9.68
N PRO A 636 -27.58 -22.16 -9.05
CA PRO A 636 -27.98 -21.90 -7.66
C PRO A 636 -26.84 -22.23 -6.71
N ILE A 637 -26.65 -21.36 -5.72
CA ILE A 637 -25.66 -21.55 -4.66
C ILE A 637 -26.39 -21.59 -3.33
N ASP A 638 -25.99 -22.52 -2.46
CA ASP A 638 -26.53 -22.62 -1.11
C ASP A 638 -25.38 -22.91 -0.16
N ALA A 639 -24.96 -21.89 0.60
CA ALA A 639 -23.88 -22.02 1.57
C ALA A 639 -24.40 -21.99 3.00
N SER A 640 -25.69 -22.27 3.20
CA SER A 640 -26.28 -22.14 4.54
C SER A 640 -25.61 -23.04 5.57
N ARG A 641 -25.16 -24.22 5.16
CA ARG A 641 -24.55 -25.16 6.09
C ARG A 641 -23.17 -24.70 6.59
N PHE A 642 -22.56 -23.71 5.95
CA PHE A 642 -21.26 -23.20 6.38
C PHE A 642 -21.36 -21.96 7.26
N SER A 643 -22.54 -21.34 7.35
CA SER A 643 -22.65 -20.00 7.92
C SER A 643 -22.21 -19.98 9.39
N LYS A 644 -22.52 -21.02 10.16
CA LYS A 644 -22.17 -21.03 11.57
C LYS A 644 -20.65 -20.96 11.76
N ASP A 645 -19.91 -21.85 11.11
CA ASP A 645 -18.46 -21.86 11.26
C ASP A 645 -17.83 -20.60 10.67
N LEU A 646 -18.37 -20.10 9.56
CA LEU A 646 -17.77 -18.93 8.93
C LEU A 646 -18.07 -17.66 9.72
N LEU A 647 -19.28 -17.54 10.26
CA LEU A 647 -19.60 -16.40 11.12
C LEU A 647 -18.79 -16.44 12.42
N ALA A 648 -18.40 -17.63 12.87
CA ALA A 648 -17.53 -17.71 14.03
C ALA A 648 -16.15 -17.16 13.73
N GLN A 649 -15.71 -17.24 12.47
CA GLN A 649 -14.42 -16.72 12.04
C GLN A 649 -14.48 -15.27 11.61
N MET A 650 -15.55 -14.88 10.92
CA MET A 650 -15.68 -13.59 10.26
C MET A 650 -17.03 -13.00 10.68
N LYS A 651 -17.07 -12.46 11.89
CA LYS A 651 -18.35 -12.16 12.55
C LYS A 651 -19.13 -11.04 11.88
N ASN A 652 -18.48 -10.18 11.10
CA ASN A 652 -19.16 -9.09 10.43
C ASN A 652 -19.51 -9.42 8.98
N GLY A 653 -19.46 -10.68 8.61
CA GLY A 653 -19.75 -11.10 7.25
C GLY A 653 -18.49 -11.55 6.52
N TYR A 654 -18.72 -12.20 5.39
CA TYR A 654 -17.65 -12.81 4.62
C TYR A 654 -18.06 -12.85 3.16
N PHE A 655 -17.06 -12.91 2.30
CA PHE A 655 -17.34 -13.06 0.88
C PHE A 655 -17.74 -14.49 0.55
N LEU A 656 -18.69 -14.62 -0.36
CA LEU A 656 -19.01 -15.88 -1.01
C LEU A 656 -18.76 -15.65 -2.50
N GLU A 657 -17.73 -16.29 -3.04
CA GLU A 657 -17.22 -15.94 -4.35
C GLU A 657 -16.74 -17.22 -5.04
N GLY A 658 -16.30 -17.07 -6.28
CA GLY A 658 -15.80 -18.22 -7.01
C GLY A 658 -15.73 -17.89 -8.49
N PHE A 659 -15.64 -18.96 -9.29
CA PHE A 659 -15.60 -18.86 -10.73
C PHE A 659 -16.63 -19.82 -11.32
N VAL A 660 -17.30 -19.39 -12.39
CA VAL A 660 -18.04 -20.31 -13.25
C VAL A 660 -17.09 -20.71 -14.38
N ARG A 661 -16.78 -22.01 -14.46
CA ARG A 661 -15.78 -22.54 -15.38
C ARG A 661 -16.45 -23.32 -16.49
N PHE A 662 -15.97 -23.14 -17.71
CA PHE A 662 -16.55 -23.76 -18.90
C PHE A 662 -15.52 -24.64 -19.58
N LYS A 663 -15.99 -25.79 -20.10
CA LYS A 663 -15.14 -26.75 -20.78
C LYS A 663 -15.92 -27.39 -21.93
N GLN A 664 -15.18 -27.82 -22.95
CA GLN A 664 -15.79 -28.63 -24.02
C GLN A 664 -16.19 -30.01 -23.50
N ASP A 665 -15.49 -30.53 -22.50
CA ASP A 665 -15.78 -31.82 -21.88
C ASP A 665 -15.17 -31.79 -20.48
N PRO A 666 -15.83 -32.37 -19.48
CA PRO A 666 -15.34 -32.21 -18.09
C PRO A 666 -13.92 -32.72 -17.87
N LYS A 667 -13.39 -33.57 -18.74
CA LYS A 667 -12.03 -34.06 -18.59
C LYS A 667 -11.00 -33.20 -19.29
N LYS A 668 -11.42 -32.24 -20.13
CA LYS A 668 -10.51 -31.38 -20.86
C LYS A 668 -10.12 -30.17 -20.02
N GLU A 669 -9.31 -29.28 -20.61
CA GLU A 669 -8.85 -28.09 -19.90
C GLU A 669 -9.91 -27.01 -19.90
N GLU A 670 -9.82 -26.12 -18.91
CA GLU A 670 -10.69 -24.95 -18.83
C GLU A 670 -10.62 -24.15 -20.11
N LEU A 671 -11.79 -23.84 -20.69
CA LEU A 671 -11.89 -23.00 -21.88
C LEU A 671 -12.18 -21.54 -21.53
N MET A 672 -13.14 -21.31 -20.64
CA MET A 672 -13.47 -19.98 -20.17
C MET A 672 -13.71 -20.03 -18.67
N SER A 673 -13.57 -18.87 -18.02
CA SER A 673 -13.91 -18.74 -16.61
C SER A 673 -14.30 -17.30 -16.33
N ILE A 674 -15.39 -17.13 -15.58
CA ILE A 674 -15.85 -15.80 -15.18
C ILE A 674 -16.01 -15.78 -13.67
N PRO A 675 -15.46 -14.77 -12.98
CA PRO A 675 -15.59 -14.72 -11.52
C PRO A 675 -16.89 -14.07 -11.09
N TYR A 676 -17.36 -14.48 -9.90
CA TYR A 676 -18.48 -13.84 -9.24
C TYR A 676 -18.09 -13.54 -7.80
N ILE A 677 -18.64 -12.46 -7.25
CA ILE A 677 -18.34 -12.03 -5.89
C ILE A 677 -19.62 -11.52 -5.23
N GLY A 678 -19.96 -12.07 -4.07
CA GLY A 678 -20.99 -11.51 -3.23
C GLY A 678 -20.52 -11.46 -1.79
N PHE A 679 -21.20 -10.63 -1.00
CA PHE A 679 -20.84 -10.46 0.41
C PHE A 679 -22.01 -10.91 1.29
N ARG A 680 -21.76 -11.91 2.12
CA ARG A 680 -22.79 -12.45 3.02
C ARG A 680 -22.82 -11.55 4.25
N GLY A 681 -23.64 -10.51 4.16
CA GLY A 681 -23.73 -9.50 5.20
C GLY A 681 -24.20 -8.19 4.60
N ASP A 682 -23.87 -7.10 5.29
CA ASP A 682 -24.20 -5.75 4.85
C ASP A 682 -22.89 -5.00 4.62
N PHE A 683 -22.37 -5.07 3.39
CA PHE A 683 -21.03 -4.58 3.10
C PHE A 683 -20.94 -3.07 3.28
N GLY A 684 -21.94 -2.33 2.80
CA GLY A 684 -21.86 -0.88 2.83
C GLY A 684 -21.76 -0.31 4.23
N ASN A 685 -22.27 -1.03 5.23
CA ASN A 685 -22.36 -0.52 6.58
C ASN A 685 -21.30 -1.11 7.51
N LEU A 686 -20.23 -1.67 6.96
CA LEU A 686 -19.11 -2.10 7.79
C LEU A 686 -18.44 -0.89 8.42
N SER A 687 -17.98 -1.04 9.66
CA SER A 687 -17.39 0.07 10.39
C SER A 687 -16.19 0.65 9.65
N ALA A 688 -16.19 1.96 9.45
CA ALA A 688 -15.12 2.63 8.76
C ALA A 688 -13.95 3.01 9.66
N LEU A 689 -14.16 3.06 10.97
CA LEU A 689 -13.19 3.59 11.91
C LEU A 689 -12.81 2.51 12.94
N GLU A 690 -11.51 2.34 13.16
CA GLU A 690 -11.08 1.47 14.25
C GLU A 690 -11.47 2.09 15.59
N LYS A 691 -12.00 1.25 16.49
CA LYS A 691 -12.48 1.75 17.78
C LYS A 691 -11.36 2.47 18.52
N PRO A 692 -11.71 3.45 19.36
CA PRO A 692 -10.67 4.23 20.07
C PRO A 692 -9.75 3.34 20.89
N ILE A 693 -8.48 3.73 20.95
CA ILE A 693 -7.49 2.95 21.70
C ILE A 693 -7.89 2.83 23.17
N TYR A 694 -8.63 3.80 23.69
CA TYR A 694 -9.07 3.76 25.08
C TYR A 694 -10.01 2.58 25.36
N ASP A 695 -10.70 2.08 24.34
CA ASP A 695 -11.67 0.99 24.52
C ASP A 695 -11.04 -0.39 24.36
N SER A 696 -9.73 -0.46 24.13
CA SER A 696 -9.04 -1.73 23.93
C SER A 696 -8.73 -2.39 25.27
N LYS A 697 -9.13 -3.65 25.41
CA LYS A 697 -8.92 -4.36 26.67
C LYS A 697 -7.44 -4.52 26.97
N ASP A 698 -6.67 -5.03 26.01
CA ASP A 698 -5.25 -5.29 26.23
C ASP A 698 -4.36 -4.09 25.90
N GLY A 699 -4.94 -2.95 25.54
CA GLY A 699 -4.16 -1.78 25.24
C GLY A 699 -3.55 -1.73 23.85
N SER A 700 -3.85 -2.70 23.00
CA SER A 700 -3.28 -2.78 21.66
C SER A 700 -4.32 -2.39 20.61
N SER A 701 -3.83 -2.20 19.39
CA SER A 701 -4.66 -1.93 18.23
C SER A 701 -3.93 -2.49 17.01
N TYR A 702 -4.48 -2.27 15.82
CA TYR A 702 -3.91 -2.91 14.64
C TYR A 702 -2.46 -2.49 14.42
N TYR A 703 -2.15 -1.20 14.58
CA TYR A 703 -0.80 -0.70 14.32
C TYR A 703 -0.01 -0.38 15.57
N HIS A 704 -0.54 -0.69 16.76
CA HIS A 704 0.08 -0.31 18.02
C HIS A 704 0.10 -1.50 18.97
N GLU A 705 1.28 -1.97 19.32
CA GLU A 705 1.43 -3.02 20.33
C GLU A 705 1.62 -2.39 21.70
N ALA A 706 0.94 -2.95 22.69
CA ALA A 706 1.00 -2.41 24.04
C ALA A 706 2.17 -3.00 24.82
N ASN A 707 2.48 -2.38 25.95
CA ASN A 707 3.37 -2.98 26.94
C ASN A 707 2.52 -3.87 27.84
N SER A 708 2.74 -5.18 27.77
CA SER A 708 1.85 -6.12 28.45
C SER A 708 1.81 -5.88 29.96
N ASP A 709 2.93 -5.44 30.55
CA ASP A 709 2.99 -5.16 31.99
C ASP A 709 2.40 -3.81 32.36
N ALA A 710 1.80 -3.09 31.41
CA ALA A 710 1.21 -1.78 31.68
C ALA A 710 0.26 -1.38 30.56
N LYS A 711 -0.95 -1.94 30.54
CA LYS A 711 -1.86 -1.74 29.42
C LYS A 711 -2.50 -0.35 29.40
N ASP A 712 -2.36 0.44 30.47
CA ASP A 712 -2.90 1.78 30.51
C ASP A 712 -1.87 2.85 30.19
N GLN A 713 -0.61 2.47 29.98
CA GLN A 713 0.40 3.42 29.57
C GLN A 713 0.15 3.87 28.14
N LEU A 714 0.24 5.19 27.89
CA LEU A 714 -0.04 5.72 26.56
C LEU A 714 0.77 7.02 26.39
N ASP A 715 2.05 6.87 26.09
CA ASP A 715 2.94 8.01 25.95
C ASP A 715 2.62 8.83 24.71
N GLY A 716 2.98 10.11 24.75
CA GLY A 716 2.72 11.04 23.68
C GLY A 716 3.83 11.09 22.64
N ASP A 717 3.86 12.19 21.90
CA ASP A 717 4.76 12.29 20.75
C ASP A 717 6.23 12.32 21.18
N GLY A 718 6.53 12.97 22.30
CA GLY A 718 7.92 13.08 22.72
C GLY A 718 8.73 13.88 21.72
N LEU A 719 9.96 13.42 21.47
CA LEU A 719 10.87 14.11 20.56
C LEU A 719 10.99 13.40 19.21
N GLN A 720 10.05 12.52 18.89
CA GLN A 720 10.10 11.82 17.61
C GLN A 720 10.01 12.82 16.46
N PHE A 721 10.68 12.49 15.35
CA PHE A 721 10.52 13.31 14.16
C PHE A 721 9.40 12.79 13.26
N TYR A 722 9.37 11.48 13.01
CA TYR A 722 8.29 10.90 12.24
C TYR A 722 7.21 10.38 13.18
N ALA A 723 6.02 10.14 12.63
CA ALA A 723 4.87 9.73 13.44
C ALA A 723 4.54 8.27 13.20
N LEU A 724 5.55 7.39 13.28
CA LEU A 724 5.34 5.97 13.05
C LEU A 724 4.79 5.26 14.29
N LYS A 725 4.91 5.87 15.46
CA LYS A 725 4.40 5.28 16.69
C LYS A 725 3.03 5.85 17.03
N ASN A 726 2.28 5.09 17.83
CA ASN A 726 1.00 5.55 18.40
C ASN A 726 -0.05 5.82 17.32
N ASN A 727 -0.13 4.95 16.33
CA ASN A 727 -1.12 5.12 15.26
C ASN A 727 -2.37 4.34 15.62
N PHE A 728 -3.37 5.06 16.13
CA PHE A 728 -4.64 4.49 16.56
C PHE A 728 -5.66 5.63 16.62
N THR A 729 -6.91 5.26 16.88
CA THR A 729 -7.97 6.24 17.05
C THR A 729 -7.93 6.81 18.46
N ALA A 730 -7.83 8.14 18.57
CA ALA A 730 -7.79 8.80 19.86
C ALA A 730 -8.07 10.29 19.69
N LEU A 731 -7.93 11.03 20.78
CA LEU A 731 -7.97 12.48 20.76
C LEU A 731 -6.61 13.02 21.19
N THR A 732 -6.12 14.03 20.48
CA THR A 732 -4.87 14.66 20.87
C THR A 732 -5.13 15.98 21.57
N THR A 733 -4.16 16.36 22.40
CA THR A 733 -4.16 17.64 23.10
C THR A 733 -2.69 18.00 23.31
N GLU A 734 -2.44 19.08 24.05
CA GLU A 734 -1.06 19.48 24.29
C GLU A 734 -0.83 19.70 25.78
N SER A 735 0.37 19.34 26.22
CA SER A 735 0.83 19.59 27.57
C SER A 735 1.86 20.71 27.54
N ASN A 736 1.67 21.71 28.39
CA ASN A 736 2.54 22.88 28.43
C ASN A 736 3.01 23.11 29.86
N PRO A 737 4.30 22.95 30.15
CA PRO A 737 4.77 23.09 31.53
C PRO A 737 4.65 24.53 32.01
N TRP A 738 4.65 24.68 33.34
CA TRP A 738 4.44 25.99 33.94
C TRP A 738 5.54 26.98 33.58
N THR A 739 6.77 26.49 33.38
CA THR A 739 7.87 27.39 33.05
C THR A 739 7.67 28.05 31.70
N ILE A 740 7.10 27.33 30.73
CA ILE A 740 6.85 27.91 29.42
C ILE A 740 5.63 28.82 29.47
N ILE A 741 4.63 28.49 30.30
CA ILE A 741 3.49 29.38 30.47
C ILE A 741 3.94 30.72 31.05
N LYS A 742 4.91 30.69 31.98
CA LYS A 742 5.42 31.93 32.55
C LYS A 742 6.21 32.73 31.53
N ALA A 743 7.03 32.06 30.73
CA ALA A 743 7.89 32.76 29.77
C ALA A 743 7.09 33.45 28.68
N VAL A 744 5.89 32.94 28.35
CA VAL A 744 5.05 33.62 27.37
C VAL A 744 4.22 34.73 28.01
N LYS A 745 4.02 34.69 29.33
CA LYS A 745 3.41 35.83 30.02
C LYS A 745 4.43 36.97 30.18
N GLU A 746 5.69 36.62 30.41
CA GLU A 746 6.73 37.64 30.57
C GLU A 746 7.26 38.13 29.22
N GLY A 747 7.23 37.28 28.19
CA GLY A 747 7.65 37.67 26.86
C GLY A 747 8.99 37.16 26.41
N VAL A 748 9.43 35.99 26.90
CA VAL A 748 10.73 35.44 26.50
C VAL A 748 10.68 35.08 25.02
N GLU A 749 11.68 35.56 24.27
CA GLU A 749 11.72 35.37 22.82
C GLU A 749 11.91 33.90 22.44
N ASN A 750 13.13 33.40 22.57
CA ASN A 750 13.48 32.02 22.19
C ASN A 750 13.86 31.26 23.44
N ILE A 751 12.94 30.44 23.95
CA ILE A 751 13.16 29.67 25.16
C ILE A 751 13.62 28.26 24.83
N GLU A 755 16.61 28.27 28.40
CA GLU A 755 15.99 28.84 29.59
C GLU A 755 15.52 27.75 30.54
N SER A 756 14.64 26.89 30.06
CA SER A 756 14.10 25.79 30.84
C SER A 756 14.44 24.45 30.18
N SER A 757 14.42 23.39 30.99
CA SER A 757 14.67 22.04 30.51
C SER A 757 13.40 21.34 30.05
N GLU A 758 12.23 21.90 30.34
CA GLU A 758 10.96 21.29 29.95
C GLU A 758 10.49 21.85 28.62
N ILE A 759 9.71 21.05 27.90
CA ILE A 759 9.23 21.42 26.57
C ILE A 759 7.74 21.15 26.47
N THR A 760 7.11 21.85 25.53
CA THR A 760 5.72 21.59 25.18
C THR A 760 5.62 20.27 24.43
N GLU A 761 4.64 19.44 24.78
CA GLU A 761 4.50 18.13 24.16
C GLU A 761 3.08 17.91 23.68
N THR A 762 2.95 17.27 22.52
CA THR A 762 1.66 16.77 22.06
C THR A 762 1.42 15.40 22.69
N ILE A 763 0.25 15.24 23.31
CA ILE A 763 -0.12 14.02 24.01
C ILE A 763 -1.54 13.66 23.62
N PHE A 764 -2.01 12.52 24.14
CA PHE A 764 -3.39 12.10 23.91
C PHE A 764 -4.26 12.55 25.08
N ALA A 765 -5.41 13.11 24.76
CA ALA A 765 -6.37 13.48 25.80
C ALA A 765 -6.71 12.27 26.65
N GLY A 766 -7.00 12.52 27.92
CA GLY A 766 -7.25 11.45 28.86
C GLY A 766 -6.01 10.80 29.45
N THR A 767 -4.82 11.29 29.14
CA THR A 767 -3.61 10.73 29.71
C THR A 767 -2.95 11.74 30.64
N PHE A 768 -2.31 11.22 31.68
CA PHE A 768 -1.75 12.03 32.75
C PHE A 768 -0.46 11.37 33.25
N ALA A 769 0.51 12.19 33.60
CA ALA A 769 1.72 11.67 34.23
C ALA A 769 1.47 11.40 35.71
N LYS A 770 2.39 10.69 36.32
CA LYS A 770 2.35 10.48 37.76
C LYS A 770 3.06 11.63 38.47
N GLN A 771 2.61 11.91 39.70
CA GLN A 771 3.23 12.97 40.50
C GLN A 771 4.70 12.71 40.69
N ASP A 772 5.06 11.47 41.06
CA ASP A 772 6.45 11.02 41.03
C ASP A 772 6.76 10.67 39.58
N ASP A 773 7.28 11.66 38.86
CA ASP A 773 7.47 11.53 37.42
C ASP A 773 8.37 10.33 37.09
N ASP A 774 7.99 9.60 36.03
CA ASP A 774 8.79 8.49 35.53
C ASP A 774 8.93 8.53 34.01
N SER A 775 8.44 9.59 33.36
CA SER A 775 8.61 9.77 31.92
C SER A 775 7.49 9.11 31.13
N HIS A 776 6.41 8.72 31.81
CA HIS A 776 5.30 8.04 31.16
C HIS A 776 3.98 8.69 31.50
N TYR A 777 3.07 8.69 30.54
CA TYR A 777 1.69 9.12 30.72
C TYR A 777 0.78 7.89 30.74
N TYR A 778 -0.36 8.02 31.44
CA TYR A 778 -1.27 6.90 31.62
C TYR A 778 -2.70 7.34 31.43
N ILE A 779 -3.51 6.46 30.83
CA ILE A 779 -4.93 6.72 30.68
C ILE A 779 -5.59 6.72 32.05
N HIS A 780 -6.41 7.73 32.31
CA HIS A 780 -7.32 7.73 33.44
C HIS A 780 -8.75 7.73 32.91
N ARG A 781 -9.64 7.07 33.66
CA ARG A 781 -11.00 6.85 33.21
C ARG A 781 -11.98 7.21 34.33
N HIS A 782 -13.18 7.63 33.92
CA HIS A 782 -14.29 7.81 34.85
C HIS A 782 -14.69 6.47 35.46
N ALA A 783 -15.71 6.48 36.32
CA ALA A 783 -16.20 5.22 36.87
C ALA A 783 -16.83 4.36 35.78
N ASN A 784 -17.53 4.99 34.83
CA ASN A 784 -18.21 4.24 33.78
C ASN A 784 -17.25 3.58 32.81
N GLY A 785 -16.01 4.06 32.72
CA GLY A 785 -14.99 3.46 31.87
C GLY A 785 -14.53 4.34 30.72
N LYS A 786 -15.15 5.49 30.50
CA LYS A 786 -14.72 6.38 29.44
C LYS A 786 -13.43 7.10 29.83
N PRO A 787 -12.62 7.49 28.85
CA PRO A 787 -11.39 8.22 29.18
C PRO A 787 -11.72 9.59 29.74
N TYR A 788 -10.92 10.03 30.72
CA TYR A 788 -11.14 11.31 31.39
C TYR A 788 -10.51 12.43 30.54
N ALA A 789 -11.27 12.88 29.56
CA ALA A 789 -10.83 13.97 28.68
C ALA A 789 -11.35 15.29 29.22
N ALA A 790 -10.45 16.26 29.42
CA ALA A 790 -10.82 17.55 30.00
C ALA A 790 -9.93 18.65 29.43
N ILE A 791 -10.53 19.81 29.16
CA ILE A 791 -9.80 20.95 28.64
C ILE A 791 -10.08 22.18 29.50
N SER A 792 -9.12 23.09 29.50
CA SER A 792 -9.22 24.37 30.21
C SER A 792 -8.90 25.46 29.19
N PRO A 793 -9.90 25.91 28.44
CA PRO A 793 -9.65 26.88 27.33
C PRO A 793 -9.39 28.30 27.84
N ASN A 794 -8.17 28.51 28.33
CA ASN A 794 -7.75 29.82 28.83
C ASN A 794 -6.51 30.34 28.09
N GLY A 795 -6.25 29.83 26.90
CA GLY A 795 -5.22 30.38 26.03
C GLY A 795 -3.79 30.18 26.48
N ASP A 796 -3.51 29.34 27.47
CA ASP A 796 -2.14 29.17 27.94
C ASP A 796 -1.41 27.99 27.28
N GLY A 797 -2.11 27.20 26.46
CA GLY A 797 -1.47 26.11 25.76
C GLY A 797 -1.42 24.79 26.52
N ASN A 798 -1.93 24.75 27.75
CA ASN A 798 -1.94 23.52 28.54
C ASN A 798 -3.34 22.93 28.49
N ARG A 799 -3.51 21.87 27.71
CA ARG A 799 -4.79 21.15 27.61
C ARG A 799 -5.92 22.10 27.23
N ASP A 800 -5.68 22.91 26.20
CA ASP A 800 -6.65 23.89 25.73
C ASP A 800 -7.68 23.32 24.77
N TYR A 801 -7.36 22.21 24.10
CA TYR A 801 -8.18 21.74 23.00
C TYR A 801 -8.15 20.21 22.93
N VAL A 802 -9.06 19.66 22.15
CA VAL A 802 -9.02 18.26 21.75
C VAL A 802 -9.12 18.21 20.23
N GLN A 803 -8.46 17.22 19.63
CA GLN A 803 -8.42 17.06 18.18
C GLN A 803 -8.46 15.58 17.82
N PHE A 804 -9.27 15.25 16.82
CA PHE A 804 -9.52 13.85 16.46
C PHE A 804 -8.36 13.26 15.67
N GLN A 805 -7.90 12.09 16.11
CA GLN A 805 -6.95 11.27 15.37
C GLN A 805 -7.62 9.94 15.09
N GLY A 806 -7.58 9.50 13.84
CA GLY A 806 -8.32 8.32 13.42
C GLY A 806 -7.48 7.33 12.64
N THR A 807 -7.69 6.05 12.94
CA THR A 807 -7.22 4.95 12.10
C THR A 807 -8.44 4.45 11.33
N PHE A 808 -8.50 4.77 10.04
CA PHE A 808 -9.66 4.43 9.24
C PHE A 808 -9.43 3.09 8.54
N LEU A 809 -10.32 2.13 8.82
CA LEU A 809 -10.30 0.84 8.17
C LEU A 809 -10.88 0.88 6.77
N ARG A 810 -11.74 1.86 6.49
CA ARG A 810 -12.34 2.05 5.17
C ARG A 810 -12.28 3.53 4.82
N ASN A 811 -12.36 3.81 3.53
CA ASN A 811 -12.50 5.19 3.08
C ASN A 811 -13.81 5.77 3.63
N ALA A 812 -13.83 7.10 3.76
CA ALA A 812 -15.02 7.78 4.26
C ALA A 812 -15.11 9.16 3.63
N LYS A 813 -16.28 9.78 3.76
CA LYS A 813 -16.52 11.11 3.24
C LYS A 813 -17.22 11.94 4.30
N ASN A 814 -17.07 13.26 4.17
CA ASN A 814 -17.80 14.25 4.97
C ASN A 814 -17.58 14.01 6.47
N LEU A 815 -16.31 13.95 6.85
CA LEU A 815 -15.93 13.84 8.25
C LEU A 815 -16.09 15.20 8.94
N VAL A 816 -16.85 15.22 10.04
CA VAL A 816 -17.15 16.46 10.74
C VAL A 816 -17.26 16.18 12.24
N ALA A 817 -16.77 17.11 13.04
CA ALA A 817 -16.87 17.03 14.49
C ALA A 817 -17.89 18.05 15.00
N GLU A 818 -18.70 17.63 15.98
CA GLU A 818 -19.65 18.51 16.62
C GLU A 818 -19.63 18.25 18.11
N VAL A 819 -20.12 19.23 18.88
CA VAL A 819 -20.13 19.18 20.33
C VAL A 819 -21.58 19.30 20.81
N LEU A 820 -22.00 18.36 21.66
CA LEU A 820 -23.33 18.35 22.23
C LEU A 820 -23.25 18.71 23.71
N ASP A 821 -24.22 19.48 24.19
CA ASP A 821 -24.23 19.93 25.59
C ASP A 821 -24.89 18.94 26.53
N LYS A 822 -25.26 17.76 26.05
CA LYS A 822 -25.96 16.73 26.82
C LYS A 822 -27.30 17.23 27.37
N GLU A 823 -27.80 18.34 26.83
CA GLU A 823 -29.13 18.83 27.14
C GLU A 823 -30.02 18.93 25.92
N GLY A 824 -29.53 18.54 24.75
CA GLY A 824 -30.34 18.49 23.54
C GLY A 824 -30.03 19.58 22.53
N ASN A 825 -28.79 20.05 22.49
CA ASN A 825 -28.41 21.13 21.60
C ASN A 825 -26.99 20.95 21.09
N VAL A 826 -26.79 21.22 19.80
CA VAL A 826 -25.46 21.27 19.21
C VAL A 826 -24.90 22.67 19.43
N VAL A 827 -23.82 22.77 20.19
CA VAL A 827 -23.25 24.07 20.54
C VAL A 827 -22.11 24.49 19.62
N TRP A 828 -21.58 23.59 18.78
CA TRP A 828 -20.46 23.91 17.91
C TRP A 828 -20.32 22.83 16.86
N THR A 829 -19.86 23.24 15.68
CA THR A 829 -19.66 22.33 14.55
C THR A 829 -18.39 22.72 13.82
N SER A 830 -17.57 21.72 13.48
CA SER A 830 -16.30 21.97 12.83
C SER A 830 -16.49 22.15 11.32
N GLU A 831 -15.42 22.59 10.67
CA GLU A 831 -15.36 22.53 9.22
C GLU A 831 -15.28 21.07 8.77
N VAL A 832 -15.68 20.83 7.52
CA VAL A 832 -15.84 19.47 7.01
C VAL A 832 -14.56 19.03 6.31
N THR A 833 -14.15 17.80 6.56
CA THR A 833 -13.12 17.12 5.78
C THR A 833 -13.83 16.22 4.78
N GLU A 834 -13.75 16.57 3.49
CA GLU A 834 -14.63 15.96 2.50
C GLU A 834 -14.20 14.53 2.14
N GLN A 835 -12.90 14.26 2.07
CA GLN A 835 -12.39 12.98 1.62
C GLN A 835 -11.41 12.40 2.64
N VAL A 836 -11.67 11.16 3.06
CA VAL A 836 -10.82 10.44 4.00
C VAL A 836 -10.41 9.12 3.35
N VAL A 837 -9.10 8.83 3.36
CA VAL A 837 -8.55 7.63 2.74
C VAL A 837 -8.13 6.66 3.84
N LYS A 838 -8.47 5.37 3.66
CA LYS A 838 -8.17 4.35 4.66
C LYS A 838 -6.67 4.31 4.96
N ASN A 839 -6.34 3.96 6.20
CA ASN A 839 -4.95 3.90 6.65
C ASN A 839 -4.37 2.51 6.36
N TYR A 840 -4.13 2.27 5.06
CA TYR A 840 -3.85 0.93 4.53
C TYR A 840 -2.44 0.43 4.82
N ASN A 841 -1.57 1.25 5.43
CA ASN A 841 -0.26 0.80 5.88
C ASN A 841 0.15 1.66 7.06
N ASN A 842 1.34 1.40 7.59
CA ASN A 842 1.96 2.28 8.58
C ASN A 842 3.44 2.35 8.20
N ASP A 843 3.72 3.14 7.15
CA ASP A 843 5.04 3.19 6.54
C ASP A 843 5.21 4.54 5.88
N LEU A 844 6.42 5.09 5.96
CA LEU A 844 6.66 6.41 5.38
C LEU A 844 6.55 6.40 3.86
N ALA A 845 6.86 5.27 3.23
CA ALA A 845 6.83 5.19 1.77
C ALA A 845 5.43 5.12 1.19
N SER A 846 4.40 4.94 2.03
CA SER A 846 3.03 4.87 1.52
C SER A 846 2.10 5.76 2.33
N THR A 847 1.66 5.27 3.49
CA THR A 847 0.79 6.06 4.37
C THR A 847 1.04 5.63 5.81
N LEU A 848 0.77 6.54 6.73
CA LEU A 848 0.86 6.24 8.15
C LEU A 848 -0.41 5.54 8.63
N GLY A 849 -0.30 4.89 9.79
CA GLY A 849 -1.38 4.08 10.32
C GLY A 849 -2.56 4.84 10.90
N SER A 850 -2.41 6.15 11.09
CA SER A 850 -3.49 7.00 11.56
C SER A 850 -3.31 8.39 10.96
N THR A 851 -4.36 9.20 11.07
CA THR A 851 -4.38 10.53 10.49
C THR A 851 -4.91 11.53 11.53
N ARG A 852 -4.22 12.65 11.68
CA ARG A 852 -4.70 13.75 12.52
C ARG A 852 -5.45 14.77 11.66
N PHE A 853 -6.67 15.09 12.07
CA PHE A 853 -7.55 15.95 11.28
C PHE A 853 -7.65 17.32 11.97
N GLU A 854 -6.86 18.28 11.47
CA GLU A 854 -6.80 19.59 12.11
C GLU A 854 -8.14 20.32 12.05
N LYS A 855 -9.02 19.99 11.10
CA LYS A 855 -10.31 20.66 11.03
C LYS A 855 -11.22 20.32 12.20
N THR A 856 -10.98 19.20 12.89
CA THR A 856 -11.82 18.80 14.01
C THR A 856 -11.38 19.38 15.34
N ARG A 857 -10.34 20.21 15.36
CA ARG A 857 -9.85 20.76 16.61
C ARG A 857 -10.91 21.67 17.25
N TRP A 858 -11.27 21.37 18.49
CA TRP A 858 -12.22 22.16 19.26
C TRP A 858 -11.48 22.87 20.38
N ASP A 859 -11.57 24.20 20.40
CA ASP A 859 -10.90 25.03 21.40
C ASP A 859 -11.80 25.38 22.58
N GLY A 860 -12.93 24.70 22.73
CA GLY A 860 -13.82 24.96 23.85
C GLY A 860 -14.85 26.06 23.62
N LYS A 861 -14.82 26.74 22.47
CA LYS A 861 -15.77 27.79 22.17
C LYS A 861 -17.01 27.22 21.48
N ASP A 862 -18.05 28.05 21.36
CA ASP A 862 -19.30 27.65 20.75
C ASP A 862 -19.44 28.30 19.38
N LYS A 863 -20.65 28.22 18.81
CA LYS A 863 -20.91 28.75 17.47
C LYS A 863 -20.54 30.23 17.36
N ASP A 864 -20.82 31.01 18.40
CA ASP A 864 -20.60 32.45 18.35
C ASP A 864 -19.15 32.83 18.70
N GLY A 865 -18.42 31.96 19.37
CA GLY A 865 -17.05 32.25 19.76
C GLY A 865 -16.85 32.46 21.25
N LYS A 866 -17.80 32.10 22.10
CA LYS A 866 -17.67 32.23 23.54
C LYS A 866 -17.34 30.88 24.16
N VAL A 867 -16.44 30.89 25.14
CA VAL A 867 -16.12 29.68 25.87
C VAL A 867 -17.37 29.12 26.52
N VAL A 868 -17.57 27.81 26.40
CA VAL A 868 -18.72 27.16 27.01
C VAL A 868 -18.53 27.04 28.51
N VAL A 869 -19.64 26.93 29.24
CA VAL A 869 -19.58 26.90 30.68
C VAL A 869 -18.98 25.58 31.16
N ASN A 870 -18.62 25.56 32.45
CA ASN A 870 -18.07 24.34 33.04
C ASN A 870 -19.10 23.22 33.05
N GLY A 871 -18.65 22.03 32.66
CA GLY A 871 -19.54 20.89 32.56
C GLY A 871 -18.93 19.86 31.61
N THR A 872 -19.66 18.76 31.45
CA THR A 872 -19.25 17.70 30.54
C THR A 872 -20.05 17.78 29.26
N TYR A 873 -19.37 17.56 28.13
CA TYR A 873 -19.97 17.67 26.81
C TYR A 873 -19.73 16.38 26.03
N THR A 874 -20.43 16.26 24.91
CA THR A 874 -20.25 15.16 23.99
C THR A 874 -19.50 15.68 22.76
N TYR A 875 -18.27 15.21 22.57
CA TYR A 875 -17.50 15.49 21.37
C TYR A 875 -17.80 14.38 20.37
N ARG A 876 -18.57 14.70 19.33
CA ARG A 876 -19.10 13.73 18.39
C ARG A 876 -18.43 13.89 17.03
N VAL A 877 -17.96 12.77 16.48
CA VAL A 877 -17.26 12.75 15.20
C VAL A 877 -18.09 11.91 14.24
N ARG A 878 -18.51 12.52 13.13
CA ARG A 878 -19.39 11.86 12.15
C ARG A 878 -18.67 11.71 10.82
N TYR A 879 -18.98 10.62 10.12
CA TYR A 879 -18.32 10.23 8.88
C TYR A 879 -19.17 9.16 8.20
N THR A 880 -19.10 9.11 6.87
CA THR A 880 -19.95 8.21 6.09
C THR A 880 -19.10 7.35 5.15
N PRO A 881 -19.31 6.03 5.12
CA PRO A 881 -18.57 5.18 4.17
C PRO A 881 -18.89 5.54 2.72
N ILE A 882 -18.00 5.13 1.83
CA ILE A 882 -18.15 5.45 0.41
C ILE A 882 -19.26 4.62 -0.25
N SER A 883 -19.58 3.46 0.31
CA SER A 883 -20.50 2.54 -0.35
C SER A 883 -21.85 3.19 -0.56
N SER A 884 -22.46 2.90 -1.71
CA SER A 884 -23.76 3.45 -2.06
C SER A 884 -24.79 3.13 -0.99
N GLY A 885 -25.52 4.16 -0.55
CA GLY A 885 -26.57 4.00 0.44
C GLY A 885 -26.12 3.74 1.85
N ALA A 886 -24.84 3.96 2.17
CA ALA A 886 -24.34 3.65 3.50
C ALA A 886 -24.85 4.67 4.52
N LYS A 887 -25.18 4.18 5.72
CA LYS A 887 -25.60 5.05 6.80
C LYS A 887 -24.40 5.80 7.37
N GLU A 888 -24.65 7.01 7.87
CA GLU A 888 -23.60 7.76 8.55
C GLU A 888 -23.22 7.08 9.85
N GLN A 889 -21.93 7.00 10.12
CA GLN A 889 -21.41 6.45 11.36
C GLN A 889 -20.88 7.58 12.24
N HIS A 890 -20.63 7.28 13.50
CA HIS A 890 -20.12 8.29 14.42
C HIS A 890 -19.47 7.62 15.62
N THR A 891 -18.54 8.36 16.23
CA THR A 891 -17.87 7.94 17.47
C THR A 891 -17.89 9.12 18.43
N ASP A 892 -18.26 8.87 19.68
CA ASP A 892 -18.48 9.91 20.67
C ASP A 892 -17.42 9.86 21.76
N PHE A 893 -17.04 11.05 22.25
CA PHE A 893 -16.12 11.20 23.37
C PHE A 893 -16.72 12.20 24.37
N ASP A 894 -16.74 11.82 25.64
CA ASP A 894 -17.11 12.76 26.69
C ASP A 894 -15.94 13.67 27.00
N VAL A 895 -16.16 14.98 26.95
CA VAL A 895 -15.11 15.96 27.16
C VAL A 895 -15.58 16.96 28.21
N ILE A 896 -14.86 17.05 29.32
CA ILE A 896 -15.14 18.01 30.37
C ILE A 896 -14.49 19.35 30.02
N VAL A 897 -15.22 20.44 30.22
CA VAL A 897 -14.67 21.78 30.15
C VAL A 897 -14.69 22.38 31.54
N ASP A 898 -13.58 23.00 31.94
CA ASP A 898 -13.48 23.59 33.27
C ASP A 898 -12.35 24.63 33.24
N ASN A 899 -12.70 25.89 33.50
CA ASN A 899 -11.74 26.99 33.50
C ASN A 899 -11.41 27.49 34.90
N THR A 900 -11.88 26.81 35.94
CA THR A 900 -11.72 27.31 37.31
C THR A 900 -10.26 27.24 37.73
N THR A 901 -9.68 28.40 38.04
CA THR A 901 -8.30 28.44 38.51
C THR A 901 -8.19 27.82 39.89
N PRO A 902 -7.14 27.05 40.17
CA PRO A 902 -6.97 26.50 41.52
C PRO A 902 -6.78 27.61 42.54
N GLU A 903 -7.40 27.42 43.71
CA GLU A 903 -7.27 28.35 44.84
C GLU A 903 -6.22 27.76 45.78
N VAL A 904 -4.99 28.19 45.63
CA VAL A 904 -3.88 27.66 46.40
C VAL A 904 -3.60 28.57 47.59
N ALA A 905 -2.68 28.13 48.45
CA ALA A 905 -2.31 28.91 49.62
C ALA A 905 -1.41 30.07 49.23
N THR A 906 -1.57 31.19 49.94
CA THR A 906 -0.78 32.40 49.71
C THR A 906 0.26 32.66 50.78
N SER A 907 0.27 31.89 51.87
CA SER A 907 1.24 32.05 52.94
C SER A 907 1.84 30.68 53.26
N ALA A 908 3.07 30.70 53.79
CA ALA A 908 3.75 29.46 54.14
C ALA A 908 4.88 29.77 55.12
N THR A 909 5.01 28.93 56.14
CA THR A 909 6.09 29.02 57.10
C THR A 909 7.10 27.90 56.85
N PHE A 910 8.37 28.20 57.08
CA PHE A 910 9.46 27.27 56.82
C PHE A 910 10.14 26.89 58.13
N SER A 911 10.40 25.61 58.30
CA SER A 911 11.06 25.07 59.49
C SER A 911 12.54 24.87 59.19
N THR A 912 13.39 25.69 59.81
CA THR A 912 14.83 25.61 59.54
C THR A 912 15.45 24.31 60.06
N GLU A 913 14.82 23.65 61.01
CA GLU A 913 15.39 22.43 61.59
C GLU A 913 15.42 21.30 60.57
N ASP A 914 14.26 20.93 60.04
CA ASP A 914 14.13 19.76 59.17
C ASP A 914 13.77 20.13 57.73
N ARG A 915 13.85 21.41 57.37
CA ARG A 915 13.64 21.86 55.98
C ARG A 915 12.26 21.51 55.46
N ARG A 916 11.25 21.61 56.33
CA ARG A 916 9.88 21.29 55.97
C ARG A 916 9.06 22.56 55.80
N LEU A 917 8.41 22.69 54.65
CA LEU A 917 7.66 23.89 54.28
C LEU A 917 6.17 23.61 54.50
N THR A 918 5.59 24.28 55.49
CA THR A 918 4.18 24.10 55.84
C THR A 918 3.34 25.17 55.16
N LEU A 919 2.29 24.75 54.48
CA LEU A 919 1.41 25.65 53.74
C LEU A 919 0.26 26.12 54.63
N ALA A 920 -0.22 27.33 54.35
CA ALA A 920 -1.27 27.92 55.17
C ALA A 920 -2.62 27.22 54.96
N SER A 921 -2.84 26.65 53.78
CA SER A 921 -4.09 25.97 53.49
C SER A 921 -3.89 24.96 52.38
N LYS A 922 -4.81 23.97 52.31
CA LYS A 922 -4.81 22.97 51.25
C LYS A 922 -5.47 23.53 50.00
N PRO A 923 -4.99 23.16 48.81
CA PRO A 923 -5.54 23.74 47.58
C PRO A 923 -6.99 23.36 47.38
N LYS A 924 -7.69 24.19 46.61
CA LYS A 924 -9.09 23.98 46.25
C LYS A 924 -9.21 24.03 44.74
N THR A 925 -9.63 22.92 44.14
CA THR A 925 -9.77 22.83 42.69
C THR A 925 -11.16 22.31 42.34
N SER A 926 -11.66 22.76 41.18
CA SER A 926 -12.94 22.26 40.67
C SER A 926 -12.80 20.82 40.18
N GLN A 927 -11.94 20.60 39.19
CA GLN A 927 -11.58 19.25 38.82
C GLN A 927 -10.65 18.66 39.86
N PRO A 928 -10.61 17.32 40.01
CA PRO A 928 -9.69 16.71 40.97
C PRO A 928 -8.25 17.15 40.75
N ILE A 929 -7.43 17.07 41.80
CA ILE A 929 -6.04 17.52 41.69
C ILE A 929 -5.29 16.57 40.77
N TYR A 930 -4.53 17.13 39.84
CA TYR A 930 -3.62 16.37 38.98
C TYR A 930 -2.25 16.23 39.66
N ARG A 931 -1.60 17.36 39.95
CA ARG A 931 -0.28 17.37 40.56
C ARG A 931 -0.16 18.52 41.54
N GLU A 932 0.36 18.21 42.74
CA GLU A 932 0.81 19.21 43.71
C GLU A 932 2.32 19.02 43.86
N ARG A 933 3.12 19.94 43.33
CA ARG A 933 4.55 19.76 43.36
C ARG A 933 5.24 21.08 43.71
N ILE A 934 6.51 20.97 44.08
CA ILE A 934 7.41 22.11 44.25
C ILE A 934 8.61 21.86 43.34
N ALA A 935 8.75 22.68 42.31
CA ALA A 935 9.87 22.55 41.39
C ALA A 935 11.10 23.28 41.93
N TYR A 936 12.26 22.94 41.36
CA TYR A 936 13.48 23.71 41.61
C TYR A 936 14.36 23.60 40.38
N THR A 937 14.77 24.75 39.86
CA THR A 937 15.62 24.82 38.67
C THR A 937 17.04 25.20 39.09
N TYR A 938 18.00 24.40 38.69
CA TYR A 938 19.41 24.65 38.99
C TYR A 938 20.22 24.53 37.71
N MET A 939 21.35 25.24 37.67
CA MET A 939 22.24 25.18 36.52
C MET A 939 23.11 23.93 36.62
N ASP A 940 23.02 23.07 35.61
CA ASP A 940 23.81 21.84 35.54
C ASP A 940 24.56 21.83 34.22
N GLU A 941 25.88 22.02 34.29
CA GLU A 941 26.75 22.11 33.11
C GLU A 941 26.27 23.21 32.18
N ASP A 942 25.94 24.36 32.77
CA ASP A 942 25.44 25.50 32.00
C ASP A 942 23.98 25.76 32.32
N PRO A 944 20.45 23.91 32.23
CA PRO A 944 19.52 24.32 33.29
C PRO A 944 18.41 23.29 33.53
N THR A 945 18.61 22.42 34.52
CA THR A 945 17.67 21.34 34.80
C THR A 945 16.60 21.79 35.79
N THR A 946 15.47 21.08 35.77
CA THR A 946 14.34 21.35 36.66
C THR A 946 13.77 20.04 37.14
N GLU A 947 13.73 19.84 38.46
CA GLU A 947 13.19 18.64 39.07
C GLU A 947 12.09 19.03 40.06
N TYR A 948 11.39 18.02 40.59
CA TYR A 948 10.17 18.24 41.35
C TYR A 948 10.18 17.45 42.65
N ILE A 949 9.40 17.94 43.61
CA ILE A 949 9.27 17.35 44.94
C ILE A 949 7.79 17.12 45.22
N SER A 950 7.46 15.95 45.81
CA SER A 950 6.09 15.60 46.15
C SER A 950 5.82 15.87 47.62
N PRO A 951 4.57 16.14 48.00
CA PRO A 951 4.26 16.46 49.39
C PRO A 951 4.39 15.24 50.30
N ASN A 952 4.88 15.50 51.51
CA ASN A 952 4.88 14.49 52.56
C ASN A 952 3.44 14.17 52.98
N GLU A 953 3.29 13.09 53.75
CA GLU A 953 1.95 12.63 54.11
C GLU A 953 1.25 13.55 55.09
N ASP A 954 1.98 14.43 55.78
CA ASP A 954 1.36 15.38 56.69
C ASP A 954 0.97 16.69 56.00
N GLY A 955 1.28 16.83 54.71
CA GLY A 955 0.94 18.00 53.94
C GLY A 955 2.12 18.90 53.60
N THR A 956 3.21 18.83 54.37
CA THR A 956 4.35 19.68 54.14
C THR A 956 5.19 19.18 52.97
N PHE A 957 6.17 19.99 52.59
CA PHE A 957 7.16 19.61 51.59
C PHE A 957 8.55 19.67 52.21
N THR A 958 9.36 18.66 51.96
CA THR A 958 10.75 18.64 52.38
C THR A 958 11.60 19.24 51.26
N LEU A 959 12.24 20.39 51.52
CA LEU A 959 13.07 21.01 50.50
C LEU A 959 14.52 20.64 50.70
N PRO A 960 15.24 20.21 49.66
CA PRO A 960 16.64 19.81 49.82
C PRO A 960 17.55 21.03 49.82
N GLU A 961 18.84 20.77 50.01
CA GLU A 961 19.85 21.82 50.06
C GLU A 961 20.82 21.77 48.88
N GLU A 962 20.85 20.68 48.13
CA GLU A 962 21.75 20.55 46.99
C GLU A 962 21.09 19.68 45.93
N ALA A 963 21.81 19.42 44.85
CA ALA A 963 21.30 18.61 43.76
C ALA A 963 22.47 18.08 42.95
N GLU A 964 22.62 16.75 42.90
CA GLU A 964 23.68 16.14 42.11
C GLU A 964 23.45 16.40 40.62
N THR A 965 24.56 16.54 39.89
CA THR A 965 24.50 16.82 38.46
C THR A 965 24.83 15.59 37.63
N GLY A 969 28.46 16.65 39.30
CA GLY A 969 28.86 17.27 40.55
C GLY A 969 27.71 17.52 41.50
N THR A 970 27.88 18.47 42.41
CA THR A 970 26.85 18.85 43.38
C THR A 970 26.78 20.37 43.43
N VAL A 971 25.56 20.91 43.38
CA VAL A 971 25.35 22.36 43.37
C VAL A 971 24.37 22.72 44.48
N PRO A 972 24.60 23.82 45.19
CA PRO A 972 23.66 24.22 46.26
C PRO A 972 22.36 24.77 45.71
N LEU A 973 21.35 24.79 46.57
CA LEU A 973 20.01 25.24 46.23
C LEU A 973 19.59 26.38 47.15
N LYS A 974 19.32 27.55 46.57
CA LYS A 974 18.82 28.67 47.32
C LYS A 974 17.31 28.58 47.46
N MET A 975 16.77 29.32 48.43
CA MET A 975 15.32 29.33 48.63
C MET A 975 14.60 29.94 47.43
N SER A 976 15.27 30.81 46.69
CA SER A 976 14.66 31.44 45.51
C SER A 976 14.47 30.47 44.34
N ASP A 977 14.88 29.21 44.49
CA ASP A 977 14.81 28.25 43.40
C ASP A 977 13.54 27.41 43.42
N PHE A 978 12.78 27.41 44.52
CA PHE A 978 11.59 26.59 44.63
C PHE A 978 10.34 27.35 44.20
N THR A 979 9.42 26.63 43.56
CA THR A 979 8.16 27.21 43.11
C THR A 979 7.03 26.21 43.37
N TYR A 980 5.96 26.70 43.97
CA TYR A 980 4.80 25.87 44.30
C TYR A 980 3.85 25.83 43.11
N VAL A 981 3.65 24.62 42.56
CA VAL A 981 2.89 24.44 41.33
C VAL A 981 1.74 23.48 41.61
N VAL A 982 0.52 23.92 41.33
CA VAL A 982 -0.69 23.12 41.54
C VAL A 982 -1.46 23.06 40.21
N GLU A 983 -1.87 21.85 39.83
CA GLU A 983 -2.52 21.62 38.55
C GLU A 983 -3.68 20.64 38.74
N ASP A 984 -4.81 20.92 38.10
CA ASP A 984 -5.94 20.00 38.15
C ASP A 984 -6.01 19.19 36.86
N MET A 985 -6.96 18.26 36.80
CA MET A 985 -7.01 17.31 35.70
C MET A 985 -7.45 17.95 34.40
N ALA A 986 -7.94 19.19 34.43
CA ALA A 986 -8.30 19.91 33.22
C ALA A 986 -7.16 20.79 32.71
N GLY A 987 -6.05 20.86 33.44
CA GLY A 987 -4.93 21.68 33.03
C GLY A 987 -4.88 23.06 33.66
N ASN A 988 -5.87 23.43 34.46
CA ASN A 988 -5.79 24.69 35.21
C ASN A 988 -4.65 24.63 36.19
N ILE A 989 -3.82 25.68 36.22
CA ILE A 989 -2.53 25.62 36.89
C ILE A 989 -2.22 26.96 37.54
N THR A 990 -1.66 26.92 38.75
CA THR A 990 -1.14 28.10 39.43
C THR A 990 0.29 27.83 39.86
N TYR A 991 1.17 28.80 39.64
CA TYR A 991 2.56 28.71 40.07
C TYR A 991 2.90 29.95 40.87
N THR A 992 3.54 29.75 42.03
CA THR A 992 3.91 30.82 42.94
C THR A 992 5.28 30.50 43.52
N PRO A 993 6.25 31.41 43.41
CA PRO A 993 7.55 31.17 44.06
C PRO A 993 7.38 31.00 45.56
N VAL A 994 8.20 30.12 46.15
CA VAL A 994 8.10 29.89 47.58
C VAL A 994 8.50 31.13 48.36
N THR A 995 9.30 32.01 47.76
CA THR A 995 9.69 33.24 48.44
C THR A 995 8.49 34.13 48.72
N LYS A 996 7.61 34.29 47.72
CA LYS A 996 6.40 35.08 47.92
C LYS A 996 5.47 34.45 48.95
N LEU A 997 5.59 33.15 49.19
CA LEU A 997 4.83 32.51 50.26
C LEU A 997 5.41 32.83 51.63
N LEU A 998 6.74 32.87 51.73
CA LEU A 998 7.38 33.19 53.00
C LEU A 998 7.22 34.66 53.34
N GLU A 999 7.49 35.54 52.37
CA GLU A 999 7.31 36.98 52.55
C GLU A 999 5.86 37.38 52.30
N GLY A 1000 4.97 36.77 53.09
CA GLY A 1000 3.54 37.01 52.98
C GLY A 1000 2.75 36.33 54.07
N LEU B 53 10.07 -0.49 -2.44
CA LEU B 53 9.11 -1.39 -3.05
C LEU B 53 9.33 -2.84 -2.58
N ALA B 54 10.53 -3.35 -2.81
CA ALA B 54 10.85 -4.70 -2.38
C ALA B 54 10.91 -4.79 -0.86
N PRO B 55 10.62 -5.95 -0.29
CA PRO B 55 10.74 -6.11 1.17
C PRO B 55 12.16 -5.85 1.64
N GLN B 56 12.28 -5.07 2.72
CA GLN B 56 13.57 -4.74 3.30
C GLN B 56 14.05 -5.77 4.31
N ALA B 57 13.20 -6.70 4.72
CA ALA B 57 13.58 -7.76 5.66
C ALA B 57 12.86 -9.05 5.31
CA CA C . -5.33 25.61 29.54
NA NA D . -11.19 -16.29 -17.05
S SO4 E . -8.42 -28.01 -15.46
O1 SO4 E . -8.20 -26.91 -16.38
O2 SO4 E . -8.24 -29.27 -16.17
O3 SO4 E . -7.46 -27.93 -14.35
O4 SO4 E . -9.78 -27.95 -14.92
S SO4 F . 5.68 11.99 56.35
O1 SO4 F . 5.00 13.19 56.85
O2 SO4 F . 5.35 11.78 54.95
O3 SO4 F . 7.12 12.15 56.48
O4 SO4 F . 5.23 10.84 57.14
S SO4 G . -5.50 17.41 -3.68
O1 SO4 G . -4.90 18.74 -3.70
O2 SO4 G . -5.93 17.04 -5.03
O3 SO4 G . -4.51 16.44 -3.20
O4 SO4 G . -6.66 17.40 -2.79
S SO4 H . 19.75 -8.51 -13.53
O1 SO4 H . 20.95 -7.98 -14.19
O2 SO4 H . 18.98 -9.31 -14.48
O3 SO4 H . 20.13 -9.35 -12.39
O4 SO4 H . 18.93 -7.40 -13.05
S SO4 I . -10.66 18.14 2.26
O1 SO4 I . -10.68 16.78 1.73
O2 SO4 I . -10.47 19.09 1.16
O3 SO4 I . -9.54 18.28 3.20
O4 SO4 I . -11.91 18.44 2.95
C1 MLA J . -13.76 18.69 -11.29
O1A MLA J . -12.94 18.91 -10.36
O1B MLA J . -14.63 17.78 -11.14
C2 MLA J . -13.72 19.50 -12.58
C3 MLA J . -12.30 19.55 -13.15
O3A MLA J . -12.10 19.25 -14.36
O3B MLA J . -11.33 19.87 -12.40
C1 MLA K . 18.08 -9.68 -36.32
C1 MLA K . 17.22 -7.30 -37.16
O1A MLA K . 19.26 -10.06 -36.07
O1A MLA K . 16.28 -7.40 -37.99
O1B MLA K . 17.32 -10.42 -37.00
O1B MLA K . 18.22 -6.60 -37.46
C2 MLA K . 17.58 -8.35 -35.79
C2 MLA K . 17.15 -8.02 -35.82
C3 MLA K . 18.73 -7.37 -35.55
C3 MLA K . 18.54 -8.19 -35.20
O3A MLA K . 18.88 -6.37 -36.31
O3A MLA K . 18.96 -9.34 -34.91
O3B MLA K . 19.53 -7.54 -34.59
O3B MLA K . 19.27 -7.18 -34.97
#